data_4R8G
#
_entry.id   4R8G
#
_cell.length_a   105.447
_cell.length_b   105.447
_cell.length_c   288.068
_cell.angle_alpha   90.00
_cell.angle_beta   90.00
_cell.angle_gamma   90.00
#
_symmetry.space_group_name_H-M   'P 43 21 2'
#
loop_
_entity.id
_entity.type
_entity.pdbx_description
1 polymer 'Unconventional myosin-Ic'
2 polymer Calmodulin
3 non-polymer 'SULFATE ION'
#
loop_
_entity_poly.entity_id
_entity_poly.type
_entity_poly.pdbx_seq_one_letter_code
_entity_poly.pdbx_strand_id
1 'polypeptide(L)'
;GPGSRRQSLATKIQAAWRGFHWRQKFLRVKRSAICIQSWWRGTLGRRKAAKRKWAAQTIRRLIRGFILRHSPRCPENAFF
LDHVRASFLLNLRRQLPRNVLDTSWPTPPPALREASELLRELCMKNMVWKYCRSISPEWKQQLQQKAVASEIFKGKKDNY
PQSVPRLFISTRLGTEEISPRVLQSLGSEPIQYAVPVVKYDRKGYKPRPRQLLLTPSAVVIVEDAKVKQRIDYANLTGIS
VSSLSDSLFVLHVQREDNKQKGDVVLQSDHVIETLTKTALSADRVNNININQGSITFAGGPGRDGIIDFTSGSELLITKA
KNGHLAVVAPRLNSR
;
E
2 'polypeptide(L)'
;ADQLTEEQIAEFKEAFSLFDKDGDGTITTKELGTVMRSLGQNPTEAELQDMINEVDADGNGTIDFPEFLTMMARKMKDTD
SEEEIREAFRVFDKDGNGYISAAELRHVMTNLGEKLTDEEVDEMIREADIDGDGQVNYEEFVQMMTAK
;
B,A,H
#
loop_
_chem_comp.id
_chem_comp.type
_chem_comp.name
_chem_comp.formula
SO4 non-polymer 'SULFATE ION' 'O4 S -2'
#
# COMPACT_ATOMS: atom_id res chain seq x y z
N ARG A 5 -67.82 -25.02 -33.57
CA ARG A 5 -67.08 -25.65 -32.50
C ARG A 5 -65.64 -25.74 -32.99
N ARG A 6 -65.49 -25.99 -34.28
CA ARG A 6 -64.18 -26.23 -34.86
C ARG A 6 -63.25 -25.05 -34.65
N GLN A 7 -63.77 -23.84 -34.80
CA GLN A 7 -62.96 -22.64 -34.59
C GLN A 7 -62.47 -22.54 -33.15
N SER A 8 -63.36 -22.83 -32.21
CA SER A 8 -63.04 -22.74 -30.79
C SER A 8 -61.93 -23.72 -30.49
N LEU A 9 -62.13 -24.92 -30.99
CA LEU A 9 -61.27 -26.04 -30.73
C LEU A 9 -59.88 -25.82 -31.35
N ALA A 10 -59.84 -25.27 -32.55
CA ALA A 10 -58.58 -25.07 -33.26
C ALA A 10 -57.65 -24.15 -32.47
N THR A 11 -58.23 -23.20 -31.76
CA THR A 11 -57.44 -22.24 -30.98
C THR A 11 -56.63 -22.96 -29.92
N LYS A 12 -57.23 -24.00 -29.32
CA LYS A 12 -56.63 -24.71 -28.19
C LYS A 12 -55.30 -25.24 -28.66
N ILE A 13 -55.31 -25.78 -29.87
CA ILE A 13 -54.14 -26.40 -30.47
C ILE A 13 -53.05 -25.35 -30.58
N GLN A 14 -53.36 -24.27 -31.27
CA GLN A 14 -52.39 -23.20 -31.50
C GLN A 14 -51.95 -22.66 -30.15
N ALA A 15 -52.89 -22.61 -29.21
CA ALA A 15 -52.60 -22.08 -27.89
C ALA A 15 -51.46 -22.84 -27.26
N ALA A 16 -51.57 -24.17 -27.33
CA ALA A 16 -50.57 -25.05 -26.74
C ALA A 16 -49.21 -24.88 -27.42
N TRP A 17 -49.19 -24.80 -28.73
CA TRP A 17 -47.93 -24.75 -29.48
C TRP A 17 -47.10 -23.53 -29.13
N ARG A 18 -47.76 -22.38 -28.98
CA ARG A 18 -47.02 -21.16 -28.65
C ARG A 18 -46.39 -21.37 -27.29
N GLY A 19 -47.17 -21.92 -26.36
CA GLY A 19 -46.71 -22.05 -24.99
C GLY A 19 -45.49 -22.95 -25.00
N PHE A 20 -45.63 -24.12 -25.61
CA PHE A 20 -44.50 -25.01 -25.89
C PHE A 20 -43.33 -24.31 -26.57
N HIS A 21 -43.59 -23.48 -27.58
CA HIS A 21 -42.51 -22.88 -28.36
C HIS A 21 -41.67 -21.87 -27.58
N TRP A 22 -42.34 -20.95 -26.90
CA TRP A 22 -41.66 -19.96 -26.07
C TRP A 22 -40.99 -20.65 -24.87
N ARG A 23 -41.68 -21.61 -24.27
CA ARG A 23 -41.22 -22.24 -23.03
C ARG A 23 -39.90 -22.94 -23.32
N GLN A 24 -39.86 -23.66 -24.43
CA GLN A 24 -38.65 -24.37 -24.81
C GLN A 24 -37.55 -23.39 -25.21
N LYS A 25 -37.93 -22.26 -25.81
CA LYS A 25 -36.96 -21.23 -26.15
C LYS A 25 -36.37 -20.63 -24.87
N PHE A 26 -37.22 -20.45 -23.85
CA PHE A 26 -36.80 -19.97 -22.53
C PHE A 26 -35.85 -20.89 -21.77
N LEU A 27 -36.18 -22.17 -21.76
CA LEU A 27 -35.36 -23.16 -21.06
C LEU A 27 -34.00 -23.23 -21.73
N ARG A 28 -34.02 -23.14 -23.06
CA ARG A 28 -32.80 -23.19 -23.87
C ARG A 28 -31.93 -22.02 -23.42
N VAL A 29 -32.55 -20.84 -23.25
CA VAL A 29 -31.84 -19.65 -22.79
C VAL A 29 -31.29 -19.81 -21.37
N LYS A 30 -32.12 -20.31 -20.45
CA LYS A 30 -31.70 -20.47 -19.06
C LYS A 30 -30.54 -21.46 -19.01
N ARG A 31 -30.65 -22.54 -19.78
CA ARG A 31 -29.61 -23.57 -19.80
C ARG A 31 -28.32 -23.01 -20.36
N SER A 32 -28.43 -22.27 -21.46
CA SER A 32 -27.25 -21.75 -22.16
C SER A 32 -26.52 -20.72 -21.31
N ALA A 33 -27.20 -20.16 -20.33
CA ALA A 33 -26.61 -19.11 -19.51
C ALA A 33 -25.98 -19.68 -18.26
N ILE A 34 -26.57 -20.75 -17.73
CA ILE A 34 -26.02 -21.45 -16.58
C ILE A 34 -24.75 -22.16 -17.03
N CYS A 35 -24.69 -22.46 -18.33
CA CYS A 35 -23.47 -23.02 -18.90
C CYS A 35 -22.31 -22.06 -18.74
N ILE A 36 -22.40 -20.87 -19.34
CA ILE A 36 -21.28 -19.93 -19.29
C ILE A 36 -20.97 -19.35 -17.90
N GLN A 37 -21.99 -18.84 -17.20
CA GLN A 37 -21.78 -18.25 -15.87
C GLN A 37 -21.05 -19.14 -14.86
N SER A 38 -21.34 -20.44 -14.86
CA SER A 38 -20.73 -21.32 -13.86
C SER A 38 -19.52 -22.02 -14.46
N TRP A 39 -19.40 -21.98 -15.79
CA TRP A 39 -18.25 -22.57 -16.45
C TRP A 39 -17.14 -21.52 -16.26
N TRP A 40 -17.57 -20.28 -16.03
CA TRP A 40 -16.67 -19.15 -15.79
C TRP A 40 -16.21 -19.07 -14.33
N ARG A 41 -17.10 -19.40 -13.39
CA ARG A 41 -16.67 -19.63 -12.01
C ARG A 41 -15.49 -20.60 -11.97
N GLY A 42 -15.41 -21.45 -12.99
CA GLY A 42 -14.33 -22.41 -13.12
C GLY A 42 -13.23 -21.92 -14.02
N THR A 43 -13.36 -20.68 -14.47
CA THR A 43 -12.23 -19.99 -15.06
C THR A 43 -11.51 -19.21 -13.98
N LEU A 44 -12.23 -18.33 -13.29
CA LEU A 44 -11.70 -17.65 -12.09
C LEU A 44 -11.26 -18.64 -11.00
N GLY A 45 -12.00 -19.73 -10.84
CA GLY A 45 -11.68 -20.73 -9.84
C GLY A 45 -10.37 -21.42 -10.16
N ARG A 46 -10.09 -21.56 -11.44
CA ARG A 46 -8.91 -22.28 -11.91
C ARG A 46 -7.68 -21.38 -11.87
N ARG A 47 -7.88 -20.10 -11.56
CA ARG A 47 -6.78 -19.19 -11.29
C ARG A 47 -6.51 -18.98 -9.81
N LYS A 48 -7.56 -18.91 -8.99
CA LYS A 48 -7.40 -18.97 -7.54
C LYS A 48 -6.46 -20.10 -7.14
N ALA A 49 -6.58 -21.21 -7.86
CA ALA A 49 -5.71 -22.36 -7.68
C ALA A 49 -4.29 -22.04 -8.10
N ALA A 50 -4.11 -21.74 -9.38
CA ALA A 50 -2.78 -21.61 -9.98
C ALA A 50 -1.96 -20.43 -9.43
N LYS A 51 -2.60 -19.53 -8.70
CA LYS A 51 -1.87 -18.47 -7.99
C LYS A 51 -1.54 -18.93 -6.58
N ARG A 52 -2.35 -19.86 -6.05
CA ARG A 52 -2.07 -20.51 -4.78
C ARG A 52 -1.07 -21.66 -4.94
N LYS A 53 -0.71 -21.97 -6.17
CA LYS A 53 0.35 -22.93 -6.46
C LYS A 53 1.70 -22.20 -6.54
N TRP A 54 1.65 -21.04 -7.19
CA TRP A 54 2.81 -20.15 -7.27
C TRP A 54 3.23 -19.71 -5.87
N ALA A 55 2.26 -19.32 -5.04
CA ALA A 55 2.51 -18.93 -3.66
C ALA A 55 3.27 -20.01 -2.88
N ALA A 56 2.85 -21.25 -3.05
CA ALA A 56 3.53 -22.38 -2.42
C ALA A 56 4.95 -22.50 -2.96
N GLN A 57 5.09 -22.44 -4.28
CA GLN A 57 6.40 -22.45 -4.93
C GLN A 57 7.36 -21.36 -4.45
N THR A 58 6.84 -20.17 -4.17
CA THR A 58 7.69 -19.04 -3.84
C THR A 58 8.24 -19.21 -2.43
N ILE A 59 7.35 -19.55 -1.49
CA ILE A 59 7.74 -19.89 -0.13
C ILE A 59 8.85 -20.94 -0.11
N ARG A 60 8.61 -22.04 -0.80
CA ARG A 60 9.59 -23.10 -0.88
C ARG A 60 10.87 -22.73 -1.62
N ARG A 61 10.75 -21.93 -2.66
CA ARG A 61 11.92 -21.49 -3.40
C ARG A 61 12.80 -20.70 -2.43
N LEU A 62 12.14 -19.93 -1.59
CA LEU A 62 12.82 -19.09 -0.60
C LEU A 62 13.55 -19.94 0.43
N ILE A 63 12.83 -20.92 0.99
CA ILE A 63 13.40 -21.82 2.00
C ILE A 63 14.45 -22.79 1.41
N ARG A 64 14.23 -23.25 0.18
CA ARG A 64 15.24 -24.04 -0.52
C ARG A 64 16.48 -23.17 -0.68
N GLY A 65 16.24 -21.89 -0.98
CA GLY A 65 17.29 -20.92 -1.13
C GLY A 65 18.04 -20.81 0.18
N PHE A 66 17.29 -20.73 1.27
CA PHE A 66 17.91 -20.58 2.58
C PHE A 66 18.78 -21.76 2.96
N ILE A 67 18.30 -22.98 2.73
CA ILE A 67 19.04 -24.14 3.17
C ILE A 67 20.37 -24.13 2.44
N LEU A 68 20.31 -23.78 1.15
CA LEU A 68 21.50 -23.63 0.31
C LEU A 68 22.21 -22.27 0.41
N ARG A 69 21.92 -21.49 1.45
CA ARG A 69 22.39 -20.10 1.53
C ARG A 69 23.91 -19.90 1.53
N HIS A 70 24.68 -20.96 1.81
CA HIS A 70 26.14 -20.86 1.77
C HIS A 70 26.68 -21.18 0.38
N SER A 71 25.81 -21.61 -0.51
CA SER A 71 26.24 -21.96 -1.86
C SER A 71 26.59 -20.72 -2.64
N PRO A 72 27.48 -20.85 -3.64
CA PRO A 72 27.63 -19.79 -4.64
C PRO A 72 26.29 -19.54 -5.32
N ARG A 73 26.10 -18.38 -5.93
CA ARG A 73 24.81 -18.03 -6.49
C ARG A 73 24.39 -19.04 -7.55
N CYS A 74 23.09 -19.32 -7.59
CA CYS A 74 22.47 -20.29 -8.49
C CYS A 74 20.98 -20.03 -8.41
N PRO A 75 20.21 -20.64 -9.34
CA PRO A 75 18.76 -20.35 -9.44
C PRO A 75 17.99 -20.53 -8.13
N GLU A 76 18.43 -21.45 -7.28
CA GLU A 76 17.62 -21.85 -6.13
C GLU A 76 17.71 -20.83 -5.00
N ASN A 77 18.93 -20.42 -4.68
CA ASN A 77 19.17 -19.43 -3.65
C ASN A 77 19.17 -18.01 -4.18
N ALA A 78 19.28 -17.87 -5.51
CA ALA A 78 19.08 -16.59 -6.19
C ALA A 78 17.93 -15.81 -5.61
N PHE A 79 16.80 -16.48 -5.39
CA PHE A 79 15.68 -15.80 -4.73
C PHE A 79 16.11 -15.36 -3.34
N PHE A 80 16.47 -16.32 -2.49
CA PHE A 80 16.78 -16.00 -1.10
C PHE A 80 17.88 -14.95 -0.97
N LEU A 81 18.98 -15.14 -1.70
CA LEU A 81 20.09 -14.19 -1.68
C LEU A 81 19.65 -12.78 -2.03
N ASP A 82 18.99 -12.63 -3.19
CA ASP A 82 18.47 -11.32 -3.60
C ASP A 82 17.48 -10.75 -2.59
N HIS A 83 16.85 -11.61 -1.81
CA HIS A 83 15.96 -11.13 -0.75
C HIS A 83 16.73 -10.49 0.39
N VAL A 84 17.87 -11.05 0.77
CA VAL A 84 18.63 -10.46 1.87
C VAL A 84 19.30 -9.18 1.33
N ARG A 85 19.84 -9.23 0.11
CA ARG A 85 20.35 -8.04 -0.58
C ARG A 85 19.33 -6.91 -0.51
N ALA A 86 18.15 -7.16 -1.08
CA ALA A 86 17.03 -6.22 -1.08
C ALA A 86 16.63 -5.72 0.32
N SER A 87 16.14 -6.63 1.16
CA SER A 87 15.78 -6.33 2.55
C SER A 87 16.77 -5.43 3.27
N PHE A 88 18.05 -5.75 3.15
CA PHE A 88 19.10 -4.96 3.78
C PHE A 88 19.06 -3.49 3.33
N LEU A 89 19.15 -3.27 2.02
CA LEU A 89 19.30 -1.90 1.51
C LEU A 89 18.06 -1.05 1.81
N LEU A 90 16.89 -1.67 1.79
CA LEU A 90 15.66 -1.01 2.25
C LEU A 90 15.75 -0.64 3.72
N ASN A 91 15.97 -1.65 4.57
CA ASN A 91 15.90 -1.47 6.02
C ASN A 91 17.00 -0.59 6.57
N LEU A 92 17.93 -0.19 5.71
CA LEU A 92 18.94 0.80 6.06
C LEU A 92 18.43 2.19 5.73
N ARG A 93 17.95 2.36 4.51
CA ARG A 93 17.34 3.61 4.04
C ARG A 93 16.33 4.14 5.07
N ARG A 94 15.52 3.24 5.63
CA ARG A 94 14.60 3.63 6.70
C ARG A 94 15.33 4.08 7.96
N GLN A 95 16.44 3.43 8.29
CA GLN A 95 17.13 3.66 9.57
C GLN A 95 18.46 4.44 9.49
N LEU A 96 18.61 5.34 8.54
CA LEU A 96 19.87 6.08 8.35
C LEU A 96 20.13 7.08 9.49
N PRO A 97 21.41 7.37 9.78
CA PRO A 97 21.76 8.21 10.94
C PRO A 97 21.52 9.70 10.72
N ARG A 98 20.84 10.34 11.68
CA ARG A 98 20.32 11.70 11.52
C ARG A 98 21.36 12.77 11.19
N ASN A 99 22.61 12.56 11.59
CA ASN A 99 23.65 13.57 11.42
C ASN A 99 25.04 13.05 11.76
N VAL A 100 26.00 13.95 11.80
CA VAL A 100 27.40 13.61 12.03
C VAL A 100 27.63 13.08 13.47
N LEU A 101 26.63 13.19 14.33
CA LEU A 101 26.82 12.76 15.71
C LEU A 101 26.02 11.52 16.04
N ASP A 102 25.37 10.95 15.04
CA ASP A 102 24.77 9.64 15.19
C ASP A 102 25.78 8.55 14.87
N THR A 103 26.39 8.00 15.90
CA THR A 103 27.29 6.87 15.74
C THR A 103 26.49 5.70 15.17
N SER A 104 25.23 5.61 15.58
CA SER A 104 24.40 4.43 15.39
C SER A 104 24.25 3.99 13.92
N TRP A 105 24.33 2.67 13.76
CA TRP A 105 24.20 1.98 12.48
C TRP A 105 23.45 0.71 12.84
N PRO A 106 22.67 0.15 11.90
CA PRO A 106 21.94 -1.04 12.30
C PRO A 106 22.72 -2.35 12.10
N THR A 107 22.34 -3.41 12.82
CA THR A 107 23.00 -4.70 12.68
C THR A 107 22.64 -5.35 11.37
N PRO A 108 23.63 -5.90 10.65
CA PRO A 108 23.37 -6.47 9.33
C PRO A 108 23.33 -7.99 9.27
N PRO A 109 22.71 -8.53 8.20
CA PRO A 109 22.90 -9.89 7.73
C PRO A 109 24.37 -10.29 7.66
N PRO A 110 24.75 -11.38 8.35
CA PRO A 110 26.12 -11.91 8.45
C PRO A 110 26.95 -11.77 7.17
N ALA A 111 26.39 -12.14 6.03
CA ALA A 111 27.11 -12.04 4.76
C ALA A 111 27.51 -10.60 4.44
N LEU A 112 26.58 -9.67 4.63
CA LEU A 112 26.79 -8.28 4.23
C LEU A 112 27.36 -7.41 5.35
N ARG A 113 27.96 -8.05 6.37
CA ARG A 113 28.75 -7.34 7.37
C ARG A 113 29.80 -6.54 6.63
N GLU A 114 30.53 -7.21 5.73
CA GLU A 114 31.60 -6.57 4.98
C GLU A 114 31.04 -5.36 4.22
N ALA A 115 29.79 -5.46 3.77
CA ALA A 115 29.17 -4.37 3.01
C ALA A 115 28.66 -3.28 3.95
N SER A 116 28.00 -3.71 5.03
CA SER A 116 27.56 -2.82 6.10
C SER A 116 28.66 -1.83 6.47
N GLU A 117 29.87 -2.36 6.64
CA GLU A 117 30.93 -1.57 7.21
C GLU A 117 31.48 -0.62 6.15
N LEU A 118 31.42 -1.03 4.89
CA LEU A 118 31.74 -0.13 3.78
C LEU A 118 30.75 1.03 3.73
N LEU A 119 29.47 0.69 3.84
CA LEU A 119 28.39 1.66 3.70
C LEU A 119 28.43 2.69 4.84
N ARG A 120 28.67 2.21 6.07
CA ARG A 120 28.61 3.09 7.24
C ARG A 120 29.68 4.17 7.10
N GLU A 121 30.86 3.76 6.69
CA GLU A 121 31.98 4.66 6.50
C GLU A 121 31.68 5.65 5.37
N LEU A 122 31.08 5.15 4.30
CA LEU A 122 30.75 5.96 3.13
C LEU A 122 29.71 7.02 3.51
N CYS A 123 28.72 6.60 4.28
CA CYS A 123 27.61 7.48 4.66
C CYS A 123 28.16 8.63 5.48
N MET A 124 29.02 8.30 6.45
CA MET A 124 29.58 9.30 7.36
C MET A 124 30.39 10.35 6.60
N LYS A 125 31.26 9.92 5.68
CA LYS A 125 32.09 10.86 4.94
C LYS A 125 31.18 11.71 4.07
N ASN A 126 30.14 11.09 3.52
CA ASN A 126 29.19 11.82 2.70
C ASN A 126 28.55 12.92 3.52
N MET A 127 28.14 12.56 4.73
CA MET A 127 27.48 13.46 5.67
C MET A 127 28.43 14.60 6.03
N VAL A 128 29.70 14.26 6.28
CA VAL A 128 30.71 15.25 6.63
C VAL A 128 30.91 16.25 5.50
N TRP A 129 31.10 15.75 4.29
CA TRP A 129 31.31 16.62 3.14
C TRP A 129 30.05 17.42 2.85
N LYS A 130 28.89 16.79 2.96
CA LYS A 130 27.66 17.46 2.59
C LYS A 130 27.50 18.71 3.45
N TYR A 131 27.79 18.55 4.74
CA TYR A 131 27.60 19.61 5.73
C TYR A 131 28.61 20.74 5.61
N CYS A 132 29.88 20.42 5.83
CA CYS A 132 30.98 21.37 5.71
C CYS A 132 30.95 22.20 4.42
N ARG A 133 30.49 21.61 3.32
CA ARG A 133 30.54 22.30 2.04
C ARG A 133 29.27 23.13 1.79
N SER A 134 28.20 22.84 2.53
CA SER A 134 26.95 23.57 2.33
C SER A 134 26.74 24.72 3.33
N ILE A 135 27.54 24.74 4.39
CA ILE A 135 27.39 25.78 5.41
C ILE A 135 27.72 27.14 4.79
N SER A 136 26.92 28.15 5.14
CA SER A 136 27.17 29.51 4.69
C SER A 136 28.18 30.19 5.60
N PRO A 137 29.15 30.90 5.00
CA PRO A 137 30.31 31.44 5.74
C PRO A 137 29.88 32.37 6.86
N GLU A 138 28.71 32.97 6.70
CA GLU A 138 28.11 33.77 7.76
C GLU A 138 27.90 32.88 8.97
N TRP A 139 27.21 31.78 8.71
CA TRP A 139 26.83 30.83 9.73
C TRP A 139 28.08 30.18 10.30
N LYS A 140 29.02 29.85 9.41
CA LYS A 140 30.23 29.17 9.82
C LYS A 140 30.97 30.01 10.84
N GLN A 141 30.92 31.32 10.67
CA GLN A 141 31.51 32.22 11.65
C GLN A 141 30.78 32.12 12.97
N GLN A 142 29.45 32.10 12.93
CA GLN A 142 28.68 32.09 14.17
C GLN A 142 28.94 30.85 15.01
N LEU A 143 28.89 29.68 14.40
CA LEU A 143 29.13 28.45 15.16
C LEU A 143 30.55 28.49 15.69
N GLN A 144 31.48 28.93 14.85
CA GLN A 144 32.88 28.93 15.21
C GLN A 144 33.07 29.83 16.42
N GLN A 145 32.37 30.97 16.40
CA GLN A 145 32.39 31.89 17.53
C GLN A 145 31.72 31.19 18.71
N LYS A 146 30.58 30.58 18.47
CA LYS A 146 29.77 30.02 19.56
C LYS A 146 30.59 28.90 20.20
N ALA A 147 31.29 28.15 19.35
CA ALA A 147 32.00 26.96 19.76
C ALA A 147 33.11 27.30 20.76
N VAL A 148 33.83 28.38 20.48
CA VAL A 148 34.87 28.81 21.40
C VAL A 148 34.21 29.24 22.71
N ALA A 149 33.05 29.89 22.61
CA ALA A 149 32.37 30.40 23.79
C ALA A 149 32.00 29.28 24.76
N SER A 150 31.52 28.17 24.22
CA SER A 150 31.17 27.01 25.04
C SER A 150 32.41 26.47 25.72
N GLU A 151 33.44 26.23 24.91
CA GLU A 151 34.75 25.86 25.41
C GLU A 151 35.15 26.66 26.64
N ILE A 152 34.88 27.95 26.62
CA ILE A 152 35.36 28.87 27.65
C ILE A 152 34.48 28.78 28.87
N PHE A 153 33.17 28.71 28.64
CA PHE A 153 32.17 28.90 29.68
C PHE A 153 31.37 27.68 30.12
N LYS A 154 30.97 26.83 29.15
CA LYS A 154 30.07 25.70 29.39
C LYS A 154 30.45 24.91 30.62
N GLY A 155 29.53 24.80 31.56
CA GLY A 155 29.82 24.19 32.84
C GLY A 155 30.17 25.22 33.90
N LYS A 156 31.08 26.13 33.56
CA LYS A 156 31.78 26.95 34.55
C LYS A 156 31.11 28.27 34.96
N LYS A 157 30.00 28.65 34.33
CA LYS A 157 29.42 29.97 34.57
C LYS A 157 27.90 29.92 34.44
N ASP A 158 27.20 30.33 35.50
CA ASP A 158 25.80 29.94 35.68
C ASP A 158 24.83 30.54 34.67
N ASN A 159 25.31 31.29 33.70
CA ASN A 159 24.38 31.82 32.70
C ASN A 159 24.90 31.64 31.28
N TYR A 160 25.91 30.81 31.11
CA TYR A 160 26.31 30.44 29.77
C TYR A 160 25.17 29.73 29.02
N PRO A 161 24.46 28.77 29.67
CA PRO A 161 23.42 28.04 28.93
C PRO A 161 22.34 28.91 28.32
N GLN A 162 21.84 29.85 29.10
CA GLN A 162 20.81 30.76 28.64
C GLN A 162 21.34 31.63 27.48
N SER A 163 22.65 31.70 27.34
CA SER A 163 23.27 32.58 26.35
C SER A 163 23.19 31.98 24.96
N VAL A 164 23.22 30.65 24.91
CA VAL A 164 23.43 29.93 23.67
C VAL A 164 22.42 30.29 22.57
N PRO A 165 21.11 30.26 22.88
CA PRO A 165 20.23 30.46 21.73
C PRO A 165 20.21 31.87 21.19
N ARG A 166 20.77 32.84 21.90
CA ARG A 166 20.68 34.20 21.37
C ARG A 166 21.99 34.54 20.66
N LEU A 167 21.85 34.69 19.35
CA LEU A 167 22.95 34.76 18.41
C LEU A 167 23.95 35.89 18.67
N PHE A 168 25.17 35.71 18.20
CA PHE A 168 26.18 36.76 18.25
C PHE A 168 26.06 37.63 17.00
N ILE A 169 26.42 38.91 17.09
CA ILE A 169 26.31 39.81 15.94
C ILE A 169 27.45 40.82 15.89
N SER A 170 27.45 41.67 14.87
CA SER A 170 28.66 42.39 14.48
C SER A 170 29.02 43.55 15.42
N THR A 171 28.10 44.49 15.56
CA THR A 171 28.26 45.58 16.51
C THR A 171 26.95 45.74 17.26
N ARG A 172 27.08 45.92 18.57
CA ARG A 172 25.97 46.09 19.49
C ARG A 172 25.56 47.55 19.65
N LEU A 173 26.28 48.43 18.96
CA LEU A 173 26.26 49.85 19.31
C LEU A 173 26.25 50.76 18.08
N GLY A 174 25.14 50.77 17.34
CA GLY A 174 24.76 51.98 16.63
C GLY A 174 25.51 52.32 15.35
N THR A 175 24.80 52.87 14.37
CA THR A 175 25.43 53.52 13.23
C THR A 175 26.06 54.84 13.62
N GLU A 176 25.34 55.60 14.43
CA GLU A 176 25.68 56.97 14.74
C GLU A 176 26.36 57.17 16.10
N GLU A 177 26.12 56.25 17.04
CA GLU A 177 26.45 56.49 18.44
C GLU A 177 27.94 56.78 18.68
N ILE A 178 28.79 56.13 17.89
CA ILE A 178 30.22 56.40 18.01
C ILE A 178 30.29 57.86 17.58
N SER A 179 31.12 58.66 18.23
CA SER A 179 31.04 60.09 17.95
C SER A 179 32.23 60.55 17.15
N PRO A 180 31.99 61.19 15.99
CA PRO A 180 32.96 61.32 14.91
C PRO A 180 34.33 61.70 15.41
N ARG A 181 34.39 62.50 16.47
CA ARG A 181 35.65 62.96 17.02
C ARG A 181 36.50 61.78 17.48
N VAL A 182 35.86 60.76 18.08
CA VAL A 182 36.59 59.57 18.51
C VAL A 182 37.11 58.76 17.31
N LEU A 183 36.31 58.63 16.25
CA LEU A 183 36.73 57.82 15.09
C LEU A 183 37.98 58.41 14.45
N GLN A 184 38.04 59.73 14.39
CA GLN A 184 39.18 60.40 13.80
C GLN A 184 40.41 60.11 14.66
N SER A 185 40.26 60.24 15.98
CA SER A 185 41.36 60.02 16.92
C SER A 185 41.81 58.58 16.88
N LEU A 186 40.84 57.72 16.65
CA LEU A 186 41.03 56.28 16.64
C LEU A 186 42.02 55.90 15.52
N GLY A 187 41.96 56.63 14.40
CA GLY A 187 42.98 56.52 13.37
C GLY A 187 42.63 55.56 12.26
N SER A 188 43.65 54.87 11.74
CA SER A 188 43.48 53.97 10.60
C SER A 188 43.19 52.56 11.09
N GLU A 189 42.47 52.49 12.20
CA GLU A 189 42.07 51.23 12.82
C GLU A 189 40.56 51.13 12.61
N PRO A 190 40.06 49.93 12.32
CA PRO A 190 38.60 49.88 12.21
C PRO A 190 37.92 49.34 13.47
N ILE A 191 36.61 49.16 13.43
CA ILE A 191 35.87 48.71 14.60
C ILE A 191 35.24 47.38 14.28
N GLN A 192 35.76 46.34 14.94
CA GLN A 192 35.29 44.98 14.70
C GLN A 192 34.05 44.69 15.51
N TYR A 193 33.86 45.45 16.59
CA TYR A 193 32.69 45.27 17.44
C TYR A 193 32.67 46.39 18.47
N ALA A 194 31.48 46.91 18.72
CA ALA A 194 31.31 47.86 19.82
C ALA A 194 30.03 47.57 20.56
N VAL A 195 29.97 48.03 21.81
CA VAL A 195 28.89 47.67 22.73
C VAL A 195 28.84 48.63 23.91
N PRO A 196 27.64 48.92 24.41
CA PRO A 196 27.54 49.75 25.62
C PRO A 196 27.84 48.97 26.90
N VAL A 197 28.79 49.47 27.69
CA VAL A 197 29.11 48.90 29.00
C VAL A 197 28.89 49.89 30.18
N VAL A 198 29.15 49.44 31.40
CA VAL A 198 29.17 50.34 32.55
C VAL A 198 30.47 50.20 33.36
N LYS A 199 31.18 51.31 33.52
CA LYS A 199 32.46 51.34 34.25
C LYS A 199 32.24 51.53 35.75
N TYR A 200 33.09 50.90 36.55
CA TYR A 200 33.15 51.20 37.98
C TYR A 200 34.57 51.61 38.37
N ASP A 201 34.70 52.81 38.92
CA ASP A 201 36.00 53.40 39.25
C ASP A 201 36.73 52.57 40.30
N ARG A 202 38.05 52.70 40.35
CA ARG A 202 38.87 52.09 41.38
C ARG A 202 38.47 52.43 42.81
N LYS A 203 38.55 53.71 43.15
CA LYS A 203 38.32 54.13 44.53
C LYS A 203 36.84 54.12 44.90
N GLY A 204 36.03 54.87 44.15
CA GLY A 204 34.62 54.97 44.46
C GLY A 204 33.76 53.75 44.21
N TYR A 205 34.17 52.93 43.24
CA TYR A 205 33.31 51.88 42.66
C TYR A 205 31.96 52.42 42.19
N LYS A 206 31.96 53.59 41.56
CA LYS A 206 30.71 54.27 41.19
C LYS A 206 30.34 53.97 39.73
N PRO A 207 29.05 54.08 39.38
CA PRO A 207 28.61 53.71 38.03
C PRO A 207 28.91 54.78 37.00
N ARG A 208 29.45 54.42 35.85
CA ARG A 208 29.67 55.38 34.77
C ARG A 208 29.53 54.78 33.38
N PRO A 209 28.54 55.25 32.61
CA PRO A 209 28.28 54.63 31.30
C PRO A 209 29.38 54.97 30.33
N ARG A 210 29.77 54.01 29.48
CA ARG A 210 30.90 54.18 28.56
C ARG A 210 30.64 53.29 27.35
N GLN A 211 31.47 53.39 26.32
CA GLN A 211 31.34 52.49 25.19
C GLN A 211 32.62 51.67 25.01
N LEU A 212 32.45 50.41 24.63
CA LEU A 212 33.60 49.54 24.45
C LEU A 212 33.73 49.18 22.99
N LEU A 213 34.85 49.60 22.41
CA LEU A 213 35.13 49.37 21.02
C LEU A 213 36.32 48.41 20.85
N LEU A 214 36.18 47.52 19.87
CA LEU A 214 37.19 46.52 19.61
C LEU A 214 37.85 46.76 18.26
N THR A 215 39.09 47.21 18.31
CA THR A 215 39.84 47.40 17.08
C THR A 215 40.84 46.26 16.98
N PRO A 216 41.36 45.99 15.77
CA PRO A 216 42.34 44.92 15.57
C PRO A 216 43.55 45.01 16.49
N SER A 217 43.93 46.22 16.83
CA SER A 217 45.14 46.46 17.61
C SER A 217 44.84 46.31 19.09
N ALA A 218 43.72 46.90 19.53
CA ALA A 218 43.48 47.09 20.95
C ALA A 218 41.99 47.20 21.27
N VAL A 219 41.67 47.20 22.56
CA VAL A 219 40.33 47.58 22.99
C VAL A 219 40.41 49.04 23.39
N VAL A 220 39.36 49.78 23.12
CA VAL A 220 39.37 51.18 23.50
C VAL A 220 38.12 51.46 24.30
N ILE A 221 38.31 52.19 25.38
CA ILE A 221 37.23 52.48 26.30
C ILE A 221 36.97 53.96 26.12
N VAL A 222 35.77 54.29 25.70
CA VAL A 222 35.51 55.63 25.22
C VAL A 222 34.30 56.25 25.92
N GLU A 223 34.45 57.48 26.38
CA GLU A 223 33.34 58.26 26.92
C GLU A 223 32.63 58.85 25.70
N ASP A 224 31.82 59.90 25.87
CA ASP A 224 30.97 60.35 24.78
C ASP A 224 31.78 60.68 23.52
N ALA A 225 32.88 61.41 23.68
CA ALA A 225 33.80 61.64 22.57
C ALA A 225 35.26 61.73 23.02
N LYS A 226 35.55 61.32 24.25
CA LYS A 226 36.86 61.63 24.85
C LYS A 226 37.91 60.51 24.94
N VAL A 227 37.57 59.28 24.53
CA VAL A 227 38.55 58.17 24.42
C VAL A 227 39.39 57.90 25.68
N LYS A 228 38.73 57.80 26.83
CA LYS A 228 39.44 57.85 28.11
C LYS A 228 40.44 56.72 28.43
N GLN A 229 40.50 55.66 27.61
CA GLN A 229 41.61 54.70 27.71
C GLN A 229 41.73 53.75 26.51
N ARG A 230 42.97 53.42 26.20
CA ARG A 230 43.32 52.45 25.16
C ARG A 230 44.12 51.33 25.79
N ILE A 231 43.60 50.12 25.68
CA ILE A 231 44.36 48.96 26.10
C ILE A 231 44.76 48.09 24.93
N ASP A 232 46.06 47.91 24.78
CA ASP A 232 46.58 47.12 23.69
C ASP A 232 46.42 45.67 24.06
N TYR A 233 46.43 44.80 23.06
CA TYR A 233 46.32 43.37 23.35
C TYR A 233 47.63 42.86 23.94
N ALA A 234 48.73 43.52 23.60
CA ALA A 234 50.01 43.16 24.19
C ALA A 234 50.01 43.55 25.66
N ASN A 235 49.44 44.70 25.96
CA ASN A 235 49.40 45.22 27.33
C ASN A 235 48.33 44.58 28.21
N LEU A 236 47.35 43.92 27.59
CA LEU A 236 46.33 43.15 28.33
C LEU A 236 46.68 41.65 28.47
N THR A 237 46.89 41.23 29.71
CA THR A 237 47.19 39.83 30.02
C THR A 237 45.95 38.94 30.03
N GLY A 238 45.14 39.04 31.08
CA GLY A 238 43.94 38.24 31.19
C GLY A 238 42.63 38.97 31.44
N ILE A 239 41.56 38.19 31.55
CA ILE A 239 40.27 38.67 32.03
C ILE A 239 39.79 37.75 33.15
N SER A 240 39.11 38.29 34.15
CA SER A 240 38.59 37.45 35.21
C SER A 240 37.09 37.71 35.38
N VAL A 241 36.34 36.68 35.74
CA VAL A 241 34.88 36.74 35.85
C VAL A 241 34.39 35.87 37.00
N SER A 242 33.20 36.18 37.50
CA SER A 242 32.52 35.38 38.53
C SER A 242 31.89 34.14 37.91
N SER A 243 31.53 33.20 38.77
CA SER A 243 30.98 31.92 38.31
C SER A 243 29.48 31.83 38.48
N LEU A 244 28.82 32.97 38.69
CA LEU A 244 27.42 32.99 39.06
C LEU A 244 26.63 33.62 37.94
N SER A 245 25.31 33.69 38.08
CA SER A 245 24.46 34.16 36.99
C SER A 245 24.57 35.67 36.89
N ASP A 246 25.81 36.11 36.96
CA ASP A 246 26.22 37.49 37.08
C ASP A 246 26.35 38.15 35.69
N SER A 247 26.84 39.38 35.62
CA SER A 247 27.00 40.08 34.35
C SER A 247 28.24 40.97 34.23
N LEU A 248 29.30 40.64 34.95
CA LEU A 248 30.40 41.59 35.15
C LEU A 248 31.78 40.97 35.00
N PHE A 249 32.78 41.79 34.71
CA PHE A 249 34.13 41.29 34.44
C PHE A 249 35.22 42.34 34.66
N VAL A 250 36.46 41.85 34.73
CA VAL A 250 37.64 42.66 35.02
C VAL A 250 38.69 42.51 33.93
N LEU A 251 39.30 43.62 33.50
CA LEU A 251 40.36 43.53 32.49
C LEU A 251 41.76 43.73 33.08
N HIS A 252 42.56 42.67 33.13
CA HIS A 252 43.93 42.78 33.69
C HIS A 252 44.88 43.42 32.68
N VAL A 253 45.62 44.43 33.13
CA VAL A 253 46.47 45.26 32.26
C VAL A 253 47.64 45.89 33.01
N GLN A 254 48.80 45.95 32.35
CA GLN A 254 50.00 46.53 32.94
C GLN A 254 50.30 47.92 32.39
N LYS A 259 53.76 54.42 35.51
CA LYS A 259 52.79 55.30 36.15
C LYS A 259 51.62 55.62 35.21
N GLN A 260 50.86 54.59 34.86
CA GLN A 260 49.72 54.72 33.98
C GLN A 260 48.61 53.76 34.43
N LYS A 261 47.39 53.99 33.96
CA LYS A 261 46.24 53.24 34.45
C LYS A 261 46.40 51.75 34.12
N GLY A 262 45.78 50.89 34.94
CA GLY A 262 45.93 49.45 34.75
C GLY A 262 44.64 48.69 34.54
N ASP A 263 44.35 47.74 35.41
CA ASP A 263 43.09 47.00 35.32
C ASP A 263 41.84 47.83 35.64
N VAL A 264 40.69 47.29 35.23
CA VAL A 264 39.42 48.03 35.21
C VAL A 264 38.25 47.05 35.24
N VAL A 265 37.15 47.43 35.89
CA VAL A 265 35.96 46.57 35.89
C VAL A 265 34.79 47.17 35.12
N LEU A 266 34.00 46.29 34.51
CA LEU A 266 32.98 46.70 33.55
C LEU A 266 31.80 45.72 33.52
N GLN A 267 30.64 46.18 33.07
CA GLN A 267 29.49 45.31 32.93
C GLN A 267 28.92 45.45 31.53
N SER A 268 28.83 44.33 30.82
CA SER A 268 28.10 44.28 29.57
C SER A 268 26.73 43.69 29.81
N ASP A 269 25.71 44.22 29.17
CA ASP A 269 24.43 43.54 29.22
C ASP A 269 24.46 42.32 28.28
N HIS A 270 25.56 42.16 27.55
CA HIS A 270 25.71 41.08 26.59
C HIS A 270 26.97 40.26 26.82
N VAL A 271 27.15 39.78 28.06
CA VAL A 271 28.49 39.49 28.60
C VAL A 271 29.28 38.40 27.87
N ILE A 272 28.67 37.22 27.70
CA ILE A 272 29.31 36.14 26.94
C ILE A 272 29.84 36.61 25.60
N GLU A 273 29.00 37.32 24.87
CA GLU A 273 29.34 37.80 23.54
C GLU A 273 30.58 38.65 23.60
N THR A 274 30.48 39.79 24.29
CA THR A 274 31.60 40.70 24.44
C THR A 274 32.89 39.98 24.85
N LEU A 275 32.79 39.12 25.86
CA LEU A 275 33.98 38.48 26.42
C LEU A 275 34.65 37.51 25.47
N THR A 276 33.88 36.73 24.73
CA THR A 276 34.51 35.85 23.76
C THR A 276 35.11 36.69 22.64
N LYS A 277 34.26 37.46 21.96
CA LYS A 277 34.70 38.38 20.91
C LYS A 277 35.97 39.12 21.25
N THR A 278 36.09 39.56 22.50
CA THR A 278 37.31 40.18 22.97
C THR A 278 38.44 39.17 22.98
N ALA A 279 38.30 38.12 23.77
CA ALA A 279 39.34 37.11 23.93
C ALA A 279 39.82 36.50 22.60
N LEU A 280 38.95 36.47 21.59
CA LEU A 280 39.37 36.07 20.26
C LEU A 280 40.29 37.12 19.68
N SER A 281 39.74 38.32 19.51
CA SER A 281 40.49 39.43 18.93
C SER A 281 41.82 39.65 19.63
N ALA A 282 41.80 39.54 20.95
CA ALA A 282 42.99 39.75 21.78
C ALA A 282 43.84 38.50 21.96
N ASP A 283 43.37 37.38 21.44
CA ASP A 283 44.06 36.09 21.56
C ASP A 283 44.43 35.85 23.02
N ARG A 284 43.45 36.02 23.90
CA ARG A 284 43.63 35.74 25.31
C ARG A 284 42.55 34.77 25.74
N VAL A 285 42.22 33.87 24.82
CA VAL A 285 41.17 32.88 25.01
C VAL A 285 41.47 31.98 26.20
N ASN A 286 42.73 31.55 26.30
CA ASN A 286 43.12 30.59 27.32
C ASN A 286 43.37 31.31 28.63
N ASN A 287 43.34 32.64 28.57
CA ASN A 287 43.76 33.47 29.69
C ASN A 287 42.60 34.14 30.41
N ILE A 288 41.44 33.50 30.33
CA ILE A 288 40.26 33.93 31.09
C ILE A 288 40.14 33.14 32.39
N ASN A 289 39.99 33.83 33.52
CA ASN A 289 39.74 33.14 34.77
C ASN A 289 38.27 33.20 35.12
N ILE A 290 37.78 32.15 35.77
CA ILE A 290 36.40 32.10 36.23
C ILE A 290 36.40 31.81 37.72
N ASN A 291 36.20 32.86 38.54
CA ASN A 291 36.35 32.71 39.97
C ASN A 291 35.04 32.44 40.70
N GLN A 292 35.10 31.51 41.64
CA GLN A 292 33.94 31.12 42.44
C GLN A 292 33.98 31.83 43.78
N GLY A 293 35.08 32.51 44.04
CA GLY A 293 35.32 33.13 45.32
C GLY A 293 35.44 34.63 45.19
N SER A 294 36.60 35.07 44.73
CA SER A 294 36.87 36.50 44.61
C SER A 294 37.86 36.79 43.50
N ILE A 295 37.81 38.02 43.01
CA ILE A 295 38.66 38.47 41.93
C ILE A 295 39.62 39.54 42.41
N THR A 296 40.88 39.43 42.01
CA THR A 296 41.87 40.44 42.35
C THR A 296 42.26 41.27 41.12
N PHE A 297 42.29 42.60 41.24
CA PHE A 297 42.70 43.42 40.10
C PHE A 297 43.72 44.46 40.56
N ALA A 298 44.56 44.95 39.64
CA ALA A 298 45.57 45.93 39.99
C ALA A 298 44.89 47.22 40.44
N GLY A 299 43.79 47.55 39.77
CA GLY A 299 42.93 48.65 40.16
C GLY A 299 43.47 49.97 39.64
N GLY A 300 42.88 51.07 40.07
CA GLY A 300 43.43 52.40 39.87
C GLY A 300 44.75 52.38 40.62
N PRO A 301 45.79 52.98 40.04
CA PRO A 301 47.18 52.71 40.45
C PRO A 301 47.45 52.99 41.93
N GLY A 302 48.04 51.99 42.59
CA GLY A 302 48.27 52.02 44.03
C GLY A 302 47.06 51.82 44.91
N ARG A 303 45.93 51.41 44.32
CA ARG A 303 44.71 51.23 45.11
C ARG A 303 44.06 49.87 44.83
N ASP A 304 44.69 48.81 45.33
CA ASP A 304 44.17 47.46 45.09
C ASP A 304 42.79 47.26 45.71
N GLY A 305 41.95 46.52 45.03
CA GLY A 305 40.56 46.32 45.44
C GLY A 305 40.19 44.86 45.25
N ILE A 306 39.10 44.41 45.87
CA ILE A 306 38.77 43.00 45.75
C ILE A 306 37.27 42.94 45.47
N ILE A 307 36.84 41.95 44.70
CA ILE A 307 35.44 41.85 44.32
C ILE A 307 34.84 40.55 44.88
N ASP A 308 33.83 40.69 45.74
CA ASP A 308 33.19 39.55 46.39
C ASP A 308 31.79 39.22 45.86
N PHE A 309 31.69 38.11 45.13
CA PHE A 309 30.42 37.67 44.57
C PHE A 309 29.61 36.80 45.54
N THR A 310 28.29 36.97 45.53
CA THR A 310 27.37 36.14 46.31
C THR A 310 26.00 36.01 45.63
N SER A 311 25.36 34.85 45.71
CA SER A 311 24.05 34.65 45.07
C SER A 311 22.96 35.37 45.86
N GLY A 312 21.83 35.61 45.22
CA GLY A 312 20.78 36.39 45.82
C GLY A 312 19.54 36.47 44.95
N SER A 313 18.56 37.27 45.36
CA SER A 313 17.31 37.38 44.61
C SER A 313 17.30 38.50 43.57
N GLU A 314 18.36 39.29 43.51
CA GLU A 314 18.39 40.46 42.62
C GLU A 314 19.79 40.85 42.20
N LEU A 315 19.86 41.68 41.16
CA LEU A 315 21.10 42.24 40.66
C LEU A 315 21.38 43.60 41.28
N LEU A 316 22.50 43.74 41.97
CA LEU A 316 22.93 45.05 42.44
C LEU A 316 24.42 45.07 42.77
N ILE A 317 25.08 46.16 42.39
CA ILE A 317 26.49 46.31 42.69
C ILE A 317 26.69 47.53 43.58
N THR A 318 27.53 47.37 44.60
CA THR A 318 27.67 48.34 45.66
C THR A 318 29.01 48.03 46.35
N LYS A 319 29.45 48.88 47.26
CA LYS A 319 30.69 48.67 47.99
C LYS A 319 30.33 48.72 49.47
N ALA A 320 31.09 48.03 50.30
CA ALA A 320 30.78 48.03 51.72
C ALA A 320 32.04 48.34 52.50
N LYS A 321 31.88 48.84 53.73
CA LYS A 321 33.00 49.48 54.40
C LYS A 321 33.96 48.44 54.95
N ASN A 322 34.36 47.55 54.05
CA ASN A 322 35.56 46.76 54.18
C ASN A 322 36.54 47.27 53.13
N GLY A 323 36.01 48.10 52.24
CA GLY A 323 36.65 48.47 50.98
C GLY A 323 36.47 47.53 49.81
N HIS A 324 35.77 46.42 50.03
CA HIS A 324 35.67 45.40 48.99
C HIS A 324 34.52 45.78 48.05
N LEU A 325 34.44 45.11 46.89
CA LEU A 325 33.33 45.35 45.98
C LEU A 325 32.34 44.19 46.05
N ALA A 326 31.19 44.48 46.65
CA ALA A 326 30.14 43.50 46.86
C ALA A 326 29.20 43.38 45.69
N VAL A 327 29.24 42.25 45.00
CA VAL A 327 28.28 41.98 43.93
C VAL A 327 27.26 40.92 44.35
N VAL A 328 25.99 41.16 44.01
CA VAL A 328 24.93 40.21 44.33
C VAL A 328 24.20 39.85 43.04
N ALA A 329 24.30 38.58 42.66
CA ALA A 329 23.64 38.06 41.47
C ALA A 329 22.20 37.64 41.73
N PRO A 330 21.39 37.59 40.66
CA PRO A 330 20.15 36.81 40.68
C PRO A 330 20.46 35.32 40.58
N ARG A 331 19.44 34.47 40.48
CA ARG A 331 19.67 33.03 40.46
C ARG A 331 18.52 32.23 39.84
N LEU A 332 18.69 31.80 38.60
CA LEU A 332 17.68 30.97 37.92
C LEU A 332 17.93 29.49 38.17
N GLN B 3 -10.86 -47.94 -14.26
CA GLN B 3 -10.17 -46.87 -13.53
C GLN B 3 -8.97 -46.32 -14.28
N LEU B 4 -8.95 -45.00 -14.47
CA LEU B 4 -8.05 -44.35 -15.41
C LEU B 4 -6.60 -44.60 -15.02
N THR B 5 -5.71 -44.65 -16.01
CA THR B 5 -4.28 -44.82 -15.74
C THR B 5 -3.72 -43.72 -14.84
N GLU B 6 -2.59 -44.01 -14.20
CA GLU B 6 -2.08 -43.24 -13.07
C GLU B 6 -1.92 -41.75 -13.38
N GLU B 7 -1.83 -41.43 -14.67
CA GLU B 7 -1.47 -40.09 -15.10
C GLU B 7 -2.44 -39.03 -14.56
N GLN B 8 -3.74 -39.33 -14.58
CA GLN B 8 -4.70 -38.42 -13.98
C GLN B 8 -4.46 -38.34 -12.47
N ILE B 9 -4.20 -39.51 -11.88
CA ILE B 9 -4.16 -39.67 -10.43
C ILE B 9 -3.10 -38.73 -9.82
N ALA B 10 -1.99 -38.58 -10.55
CA ALA B 10 -0.94 -37.65 -10.17
C ALA B 10 -1.48 -36.23 -10.22
N GLU B 11 -2.16 -35.89 -11.31
CA GLU B 11 -2.72 -34.56 -11.50
C GLU B 11 -3.74 -34.38 -10.39
N PHE B 12 -4.49 -35.45 -10.16
CA PHE B 12 -5.61 -35.49 -9.23
C PHE B 12 -5.22 -35.26 -7.77
N LYS B 13 -4.17 -35.95 -7.31
CA LYS B 13 -3.72 -35.80 -5.93
C LYS B 13 -3.13 -34.43 -5.60
N GLU B 14 -2.30 -33.87 -6.48
CA GLU B 14 -1.63 -32.60 -6.20
C GLU B 14 -2.62 -31.46 -6.01
N ALA B 15 -3.64 -31.43 -6.85
CA ALA B 15 -4.64 -30.36 -6.82
C ALA B 15 -5.75 -30.70 -5.85
N PHE B 16 -5.76 -31.95 -5.36
CA PHE B 16 -6.58 -32.31 -4.22
C PHE B 16 -5.93 -31.80 -2.93
N SER B 17 -4.64 -32.09 -2.80
CA SER B 17 -3.82 -31.70 -1.66
C SER B 17 -3.65 -30.19 -1.52
N LEU B 18 -3.22 -29.54 -2.60
CA LEU B 18 -2.95 -28.11 -2.60
C LEU B 18 -4.02 -27.26 -1.91
N PHE B 19 -5.27 -27.71 -1.91
CA PHE B 19 -6.32 -27.04 -1.13
C PHE B 19 -6.66 -27.73 0.20
N ASP B 20 -5.95 -28.82 0.50
CA ASP B 20 -6.08 -29.45 1.80
C ASP B 20 -5.33 -28.57 2.81
N LYS B 21 -6.05 -28.12 3.83
CA LYS B 21 -5.61 -26.99 4.63
C LYS B 21 -4.28 -27.24 5.34
N ASP B 22 -4.14 -28.39 6.00
CA ASP B 22 -2.92 -28.68 6.74
C ASP B 22 -2.45 -30.14 6.69
N GLY B 23 -2.46 -30.73 5.50
CA GLY B 23 -1.93 -32.06 5.26
C GLY B 23 -2.73 -33.27 5.69
N ASP B 24 -3.92 -33.03 6.24
CA ASP B 24 -4.74 -34.10 6.81
C ASP B 24 -5.22 -35.12 5.78
N GLY B 25 -5.56 -34.65 4.59
CA GLY B 25 -6.26 -35.48 3.63
C GLY B 25 -7.74 -35.14 3.58
N THR B 26 -8.13 -34.06 4.24
CA THR B 26 -9.50 -33.56 4.19
C THR B 26 -9.62 -32.15 3.60
N ILE B 27 -10.73 -31.89 2.92
CA ILE B 27 -10.93 -30.62 2.24
C ILE B 27 -12.24 -30.00 2.67
N THR B 28 -12.25 -28.69 2.84
CA THR B 28 -13.47 -28.01 3.27
C THR B 28 -14.47 -28.11 2.12
N THR B 29 -15.74 -27.90 2.42
CA THR B 29 -16.77 -27.97 1.39
C THR B 29 -16.51 -26.92 0.32
N LYS B 30 -16.13 -25.73 0.77
CA LYS B 30 -16.16 -24.54 -0.07
C LYS B 30 -15.23 -24.67 -1.25
N GLU B 31 -14.23 -25.54 -1.12
CA GLU B 31 -13.18 -25.62 -2.12
C GLU B 31 -13.12 -26.99 -2.77
N LEU B 32 -14.25 -27.69 -2.81
CA LEU B 32 -14.32 -28.89 -3.64
C LEU B 32 -14.51 -28.46 -5.09
N GLY B 33 -15.22 -27.35 -5.27
CA GLY B 33 -15.48 -26.81 -6.58
C GLY B 33 -14.18 -26.39 -7.25
N THR B 34 -13.44 -25.53 -6.56
CA THR B 34 -12.19 -24.95 -7.07
C THR B 34 -11.20 -26.04 -7.45
N VAL B 35 -11.15 -27.11 -6.66
CA VAL B 35 -10.25 -28.23 -6.92
C VAL B 35 -10.56 -28.86 -8.27
N MET B 36 -11.83 -29.16 -8.49
CA MET B 36 -12.30 -29.73 -9.75
C MET B 36 -11.91 -28.81 -10.89
N ARG B 37 -12.30 -27.54 -10.72
CA ARG B 37 -12.01 -26.47 -11.65
C ARG B 37 -10.52 -26.44 -11.97
N SER B 38 -9.71 -26.77 -10.97
CA SER B 38 -8.26 -26.76 -11.03
C SER B 38 -7.68 -27.91 -11.85
N LEU B 39 -8.52 -28.58 -12.63
CA LEU B 39 -8.05 -29.66 -13.49
C LEU B 39 -8.57 -29.47 -14.91
N GLY B 40 -9.63 -28.66 -15.05
CA GLY B 40 -10.25 -28.47 -16.35
C GLY B 40 -11.74 -28.67 -16.43
N GLN B 41 -12.44 -28.67 -15.29
CA GLN B 41 -13.89 -28.87 -15.32
C GLN B 41 -14.70 -27.58 -15.25
N ASN B 42 -16.02 -27.76 -15.23
CA ASN B 42 -16.96 -26.66 -15.19
C ASN B 42 -18.22 -27.03 -14.41
N PRO B 43 -18.10 -27.25 -13.12
CA PRO B 43 -19.36 -27.62 -12.47
C PRO B 43 -20.26 -26.43 -12.19
N THR B 44 -21.50 -26.73 -11.85
CA THR B 44 -22.45 -25.72 -11.42
C THR B 44 -22.74 -26.03 -9.97
N GLU B 45 -23.51 -25.18 -9.30
CA GLU B 45 -23.78 -25.39 -7.88
C GLU B 45 -24.82 -26.49 -7.72
N ALA B 46 -25.37 -26.93 -8.84
CA ALA B 46 -26.32 -28.04 -8.81
C ALA B 46 -25.55 -29.34 -8.83
N GLU B 47 -24.65 -29.48 -9.80
CA GLU B 47 -23.70 -30.59 -9.83
C GLU B 47 -22.90 -30.72 -8.53
N LEU B 48 -22.56 -29.60 -7.91
CA LEU B 48 -21.88 -29.64 -6.62
C LEU B 48 -22.76 -30.21 -5.54
N GLN B 49 -23.89 -29.57 -5.25
CA GLN B 49 -24.66 -29.89 -4.04
C GLN B 49 -25.08 -31.36 -4.09
N ASP B 50 -25.41 -31.82 -5.30
CA ASP B 50 -25.80 -33.21 -5.51
C ASP B 50 -24.64 -34.13 -5.12
N MET B 51 -23.42 -33.70 -5.47
CA MET B 51 -22.21 -34.44 -5.12
C MET B 51 -22.05 -34.47 -3.60
N ILE B 52 -22.20 -33.30 -2.98
CA ILE B 52 -21.81 -33.08 -1.59
C ILE B 52 -22.58 -33.95 -0.61
N ASN B 53 -23.90 -33.93 -0.72
CA ASN B 53 -24.75 -34.64 0.22
C ASN B 53 -24.56 -36.14 0.07
N GLU B 54 -24.49 -36.59 -1.17
CA GLU B 54 -24.35 -38.02 -1.47
C GLU B 54 -23.03 -38.59 -0.93
N VAL B 55 -21.94 -37.86 -1.16
CA VAL B 55 -20.62 -38.30 -0.70
C VAL B 55 -20.55 -38.29 0.83
N ASP B 56 -21.01 -37.21 1.45
CA ASP B 56 -21.05 -37.09 2.90
C ASP B 56 -22.36 -36.44 3.34
N ALA B 57 -23.04 -37.13 4.25
CA ALA B 57 -24.21 -36.59 4.91
C ALA B 57 -23.84 -36.48 6.37
N ASP B 58 -22.56 -36.75 6.63
CA ASP B 58 -22.00 -36.73 7.97
C ASP B 58 -22.20 -35.38 8.63
N GLY B 59 -22.13 -34.33 7.82
CA GLY B 59 -22.17 -32.98 8.33
C GLY B 59 -20.77 -32.52 8.69
N ASN B 60 -19.80 -33.37 8.37
CA ASN B 60 -18.42 -33.10 8.71
C ASN B 60 -17.91 -31.82 8.06
N GLY B 61 -18.20 -31.68 6.77
CA GLY B 61 -17.63 -30.59 6.00
C GLY B 61 -16.23 -30.99 5.55
N THR B 62 -16.06 -32.28 5.22
CA THR B 62 -14.77 -32.78 4.73
C THR B 62 -14.94 -33.76 3.58
N ILE B 63 -13.80 -34.14 3.00
CA ILE B 63 -13.73 -35.05 1.86
C ILE B 63 -12.34 -35.64 1.81
N ASP B 64 -12.25 -36.95 1.98
CA ASP B 64 -11.00 -37.65 1.77
C ASP B 64 -10.82 -38.07 0.31
N PHE B 65 -9.61 -38.52 -0.02
CA PHE B 65 -9.21 -38.74 -1.42
C PHE B 65 -9.78 -40.01 -2.09
N PRO B 66 -10.26 -40.99 -1.30
CA PRO B 66 -10.97 -42.03 -2.06
C PRO B 66 -12.26 -41.45 -2.61
N GLU B 67 -12.98 -40.76 -1.73
CA GLU B 67 -14.29 -40.24 -2.04
C GLU B 67 -14.19 -39.26 -3.21
N PHE B 68 -13.13 -38.47 -3.22
CA PHE B 68 -12.89 -37.54 -4.32
C PHE B 68 -12.51 -38.29 -5.61
N LEU B 69 -11.72 -39.36 -5.51
CA LEU B 69 -11.41 -40.20 -6.69
C LEU B 69 -12.67 -40.66 -7.42
N THR B 70 -13.58 -41.28 -6.68
CA THR B 70 -14.82 -41.80 -7.24
C THR B 70 -15.60 -40.73 -8.02
N MET B 71 -15.83 -39.57 -7.43
CA MET B 71 -16.66 -38.53 -8.05
C MET B 71 -16.15 -38.14 -9.43
N MET B 72 -14.83 -38.23 -9.60
CA MET B 72 -14.16 -37.80 -10.82
C MET B 72 -14.47 -38.67 -12.02
N ALA B 73 -14.40 -39.97 -11.82
CA ALA B 73 -14.68 -40.97 -12.85
C ALA B 73 -16.06 -40.76 -13.48
N ARG B 74 -17.04 -40.52 -12.61
CA ARG B 74 -18.40 -40.19 -13.00
C ARG B 74 -18.45 -39.09 -14.07
N LYS B 75 -18.02 -37.89 -13.69
CA LYS B 75 -18.10 -36.72 -14.56
C LYS B 75 -17.10 -36.70 -15.74
N MET B 76 -16.14 -37.62 -15.77
CA MET B 76 -15.26 -37.70 -16.94
C MET B 76 -16.00 -38.28 -18.13
N ASP B 80 -16.94 -30.78 -21.49
CA ASP B 80 -17.31 -30.27 -22.81
C ASP B 80 -16.25 -29.31 -23.36
N SER B 81 -15.93 -29.46 -24.63
CA SER B 81 -14.98 -28.59 -25.32
C SER B 81 -15.45 -27.15 -25.48
N GLU B 82 -14.62 -26.37 -26.17
CA GLU B 82 -14.72 -24.92 -26.18
C GLU B 82 -15.91 -24.47 -27.02
N GLU B 83 -16.27 -25.27 -28.00
CA GLU B 83 -17.47 -25.04 -28.80
C GLU B 83 -18.78 -25.11 -28.02
N GLU B 84 -18.82 -25.94 -26.98
CA GLU B 84 -20.02 -26.03 -26.14
C GLU B 84 -20.24 -24.71 -25.39
N ILE B 85 -19.22 -23.85 -25.40
CA ILE B 85 -19.29 -22.54 -24.78
C ILE B 85 -19.83 -21.51 -25.76
N ARG B 86 -19.26 -21.48 -26.96
CA ARG B 86 -19.65 -20.50 -27.97
C ARG B 86 -21.11 -20.58 -28.41
N GLU B 87 -21.70 -21.77 -28.34
CA GLU B 87 -23.14 -21.87 -28.55
C GLU B 87 -23.85 -21.22 -27.38
N ALA B 88 -23.54 -21.69 -26.17
CA ALA B 88 -24.12 -21.17 -24.95
C ALA B 88 -24.02 -19.64 -24.82
N PHE B 89 -23.13 -19.02 -25.59
CA PHE B 89 -23.01 -17.56 -25.60
C PHE B 89 -23.80 -16.90 -26.73
N ARG B 90 -23.70 -17.46 -27.94
CA ARG B 90 -24.20 -16.76 -29.11
C ARG B 90 -25.73 -16.71 -29.18
N VAL B 91 -26.40 -17.54 -28.37
CA VAL B 91 -27.86 -17.49 -28.22
C VAL B 91 -28.37 -16.11 -27.78
N PHE B 92 -27.54 -15.36 -27.07
CA PHE B 92 -27.92 -14.03 -26.59
C PHE B 92 -27.64 -12.99 -27.66
N ASP B 93 -26.78 -13.35 -28.60
CA ASP B 93 -26.42 -12.45 -29.69
C ASP B 93 -27.74 -12.25 -30.46
N LYS B 94 -28.00 -11.01 -30.86
CA LYS B 94 -29.17 -10.69 -31.68
C LYS B 94 -28.79 -10.61 -33.14
N ASP B 95 -27.68 -9.94 -33.39
CA ASP B 95 -27.21 -9.60 -34.73
C ASP B 95 -26.96 -10.86 -35.55
N GLY B 96 -26.42 -11.88 -34.89
CA GLY B 96 -25.76 -13.00 -35.55
C GLY B 96 -24.40 -12.65 -36.12
N ASN B 97 -23.82 -11.56 -35.60
CA ASN B 97 -22.51 -11.10 -36.06
C ASN B 97 -21.39 -11.63 -35.15
N GLY B 98 -21.77 -12.43 -34.16
CA GLY B 98 -20.85 -12.78 -33.08
C GLY B 98 -20.47 -11.59 -32.22
N TYR B 99 -21.46 -10.75 -31.92
CA TYR B 99 -21.33 -9.72 -30.88
C TYR B 99 -22.56 -9.63 -29.99
N ILE B 100 -22.29 -9.46 -28.71
CA ILE B 100 -23.28 -9.11 -27.72
C ILE B 100 -22.73 -7.91 -26.98
N SER B 101 -23.58 -7.17 -26.29
CA SER B 101 -23.11 -5.94 -25.65
C SER B 101 -23.38 -6.00 -24.15
N ALA B 102 -22.60 -5.22 -23.41
CA ALA B 102 -22.48 -5.41 -21.96
C ALA B 102 -23.83 -5.23 -21.31
N ALA B 103 -24.50 -4.13 -21.65
CA ALA B 103 -25.88 -3.86 -21.23
C ALA B 103 -26.72 -5.12 -21.26
N GLU B 104 -26.66 -5.83 -22.38
CA GLU B 104 -27.47 -7.02 -22.59
C GLU B 104 -27.04 -8.10 -21.62
N LEU B 105 -25.74 -8.37 -21.61
CA LEU B 105 -25.17 -9.47 -20.84
C LEU B 105 -25.34 -9.28 -19.33
N ARG B 106 -25.16 -8.05 -18.87
CA ARG B 106 -25.16 -7.74 -17.43
C ARG B 106 -26.46 -8.13 -16.77
N HIS B 107 -27.58 -7.71 -17.37
CA HIS B 107 -28.87 -7.82 -16.71
C HIS B 107 -29.20 -9.31 -16.62
N VAL B 108 -28.91 -10.06 -17.68
CA VAL B 108 -29.21 -11.48 -17.74
C VAL B 108 -28.62 -12.24 -16.55
N MET B 109 -27.30 -12.15 -16.44
CA MET B 109 -26.51 -12.94 -15.51
C MET B 109 -26.98 -12.76 -14.07
N THR B 110 -27.42 -11.54 -13.77
CA THR B 110 -27.86 -11.21 -12.42
C THR B 110 -29.29 -11.69 -12.12
N ASN B 111 -30.03 -12.08 -13.15
CA ASN B 111 -31.40 -12.57 -12.96
C ASN B 111 -31.68 -14.00 -13.42
N LEU B 112 -30.70 -14.68 -14.02
CA LEU B 112 -30.97 -16.05 -14.49
C LEU B 112 -30.50 -17.08 -13.46
N GLY B 113 -30.27 -18.31 -13.90
CA GLY B 113 -30.20 -19.42 -12.95
C GLY B 113 -29.14 -19.41 -11.87
N GLU B 114 -27.88 -19.21 -12.26
CA GLU B 114 -26.82 -18.98 -11.29
C GLU B 114 -26.58 -17.49 -11.14
N LYS B 115 -27.50 -16.78 -10.49
CA LYS B 115 -27.40 -15.33 -10.34
C LYS B 115 -26.03 -14.96 -9.75
N LEU B 116 -25.45 -13.87 -10.25
CA LEU B 116 -24.23 -13.33 -9.69
C LEU B 116 -24.47 -12.06 -8.85
N THR B 117 -23.65 -11.85 -7.83
CA THR B 117 -23.62 -10.56 -7.14
C THR B 117 -22.69 -9.64 -7.91
N ASP B 118 -22.70 -8.35 -7.57
CA ASP B 118 -22.06 -7.32 -8.38
C ASP B 118 -20.61 -7.69 -8.58
N GLU B 119 -19.95 -8.05 -7.48
CA GLU B 119 -18.54 -8.46 -7.48
C GLU B 119 -18.21 -9.31 -8.71
N GLU B 120 -18.88 -10.45 -8.84
CA GLU B 120 -18.57 -11.42 -9.89
C GLU B 120 -18.82 -10.77 -11.25
N VAL B 121 -19.95 -10.08 -11.36
CA VAL B 121 -20.37 -9.44 -12.60
C VAL B 121 -19.42 -8.32 -13.01
N ASP B 122 -18.96 -7.54 -12.03
CA ASP B 122 -18.15 -6.37 -12.29
C ASP B 122 -16.84 -6.77 -12.96
N GLU B 123 -16.33 -7.95 -12.59
CA GLU B 123 -15.13 -8.49 -13.22
C GLU B 123 -15.40 -8.70 -14.71
N MET B 124 -16.63 -9.12 -15.04
CA MET B 124 -17.01 -9.35 -16.44
C MET B 124 -16.89 -8.07 -17.24
N ILE B 125 -17.40 -6.99 -16.66
CA ILE B 125 -17.51 -5.74 -17.37
C ILE B 125 -16.10 -5.20 -17.68
N ARG B 126 -15.20 -5.32 -16.71
CA ARG B 126 -13.79 -4.98 -16.92
C ARG B 126 -13.10 -5.88 -17.95
N GLU B 127 -13.60 -7.09 -18.09
CA GLU B 127 -12.85 -8.16 -18.76
C GLU B 127 -12.42 -7.87 -20.21
N ALA B 128 -13.28 -7.22 -20.98
CA ALA B 128 -12.93 -6.87 -22.36
C ALA B 128 -13.89 -5.87 -22.99
N ASP B 129 -13.36 -5.12 -23.97
CA ASP B 129 -14.13 -4.17 -24.78
C ASP B 129 -15.12 -3.33 -23.98
N GLN B 135 -19.27 -2.30 -27.70
CA GLN B 135 -19.72 -3.69 -27.69
C GLN B 135 -18.60 -4.65 -27.31
N VAL B 136 -18.89 -5.60 -26.43
CA VAL B 136 -17.94 -6.67 -26.18
C VAL B 136 -18.05 -7.65 -27.36
N ASN B 137 -17.04 -8.50 -27.52
CA ASN B 137 -17.07 -9.49 -28.58
C ASN B 137 -17.28 -10.91 -28.07
N TYR B 138 -18.19 -11.64 -28.72
CA TYR B 138 -18.55 -13.00 -28.31
C TYR B 138 -17.31 -13.91 -28.31
N GLU B 139 -16.60 -13.92 -29.43
CA GLU B 139 -15.45 -14.80 -29.60
C GLU B 139 -14.26 -14.35 -28.74
N GLU B 140 -14.09 -13.03 -28.60
CA GLU B 140 -12.93 -12.45 -27.94
C GLU B 140 -12.78 -13.01 -26.53
N PHE B 141 -13.91 -13.07 -25.83
CA PHE B 141 -13.94 -13.60 -24.48
C PHE B 141 -13.54 -15.06 -24.46
N VAL B 142 -13.96 -15.82 -25.47
CA VAL B 142 -13.63 -17.24 -25.56
C VAL B 142 -12.14 -17.54 -25.70
N GLN B 143 -11.39 -16.65 -26.37
CA GLN B 143 -9.95 -16.82 -26.45
C GLN B 143 -9.36 -16.74 -25.04
N MET B 144 -9.86 -15.77 -24.28
CA MET B 144 -9.56 -15.63 -22.86
C MET B 144 -10.16 -16.78 -22.07
N MET B 145 -11.39 -17.15 -22.42
CA MET B 145 -12.27 -18.00 -21.62
C MET B 145 -11.57 -19.36 -21.46
N THR B 146 -10.98 -19.84 -22.56
CA THR B 146 -10.32 -21.15 -22.60
C THR B 146 -8.85 -20.98 -22.96
N GLN C 3 -53.03 -19.46 -0.12
CA GLN C 3 -53.55 -20.18 -1.28
C GLN C 3 -52.52 -20.27 -2.38
N LEU C 4 -51.38 -19.63 -2.17
CA LEU C 4 -50.30 -19.63 -3.15
C LEU C 4 -49.04 -20.25 -2.56
N THR C 5 -48.43 -21.18 -3.29
CA THR C 5 -47.20 -21.86 -2.86
C THR C 5 -45.96 -20.95 -2.93
N GLU C 6 -45.06 -21.08 -1.96
CA GLU C 6 -43.77 -20.35 -1.99
C GLU C 6 -42.92 -20.78 -3.19
N GLU C 7 -42.96 -22.07 -3.50
CA GLU C 7 -42.11 -22.68 -4.54
C GLU C 7 -42.40 -22.03 -5.88
N GLN C 8 -43.68 -21.84 -6.15
CA GLN C 8 -44.17 -21.23 -7.39
C GLN C 8 -43.70 -19.79 -7.56
N ILE C 9 -43.80 -19.00 -6.50
CA ILE C 9 -43.51 -17.58 -6.59
C ILE C 9 -42.06 -17.43 -6.98
N ALA C 10 -41.22 -18.32 -6.46
CA ALA C 10 -39.78 -18.23 -6.69
C ALA C 10 -39.49 -18.34 -8.18
N GLU C 11 -40.07 -19.35 -8.82
CA GLU C 11 -39.77 -19.65 -10.22
C GLU C 11 -40.22 -18.49 -11.11
N PHE C 12 -41.44 -18.03 -10.86
CA PHE C 12 -42.10 -17.05 -11.73
C PHE C 12 -41.32 -15.75 -11.69
N LYS C 13 -40.82 -15.42 -10.49
CA LYS C 13 -40.15 -14.15 -10.26
C LYS C 13 -38.95 -14.06 -11.19
N GLU C 14 -38.31 -15.20 -11.41
CA GLU C 14 -37.08 -15.25 -12.20
C GLU C 14 -37.32 -14.75 -13.62
N ALA C 15 -38.34 -15.31 -14.27
CA ALA C 15 -38.63 -15.00 -15.67
C ALA C 15 -39.14 -13.57 -15.83
N PHE C 16 -40.01 -13.16 -14.91
CA PHE C 16 -40.51 -11.79 -14.90
C PHE C 16 -39.31 -10.85 -14.91
N SER C 17 -38.47 -10.99 -13.90
CA SER C 17 -37.27 -10.18 -13.73
C SER C 17 -36.28 -10.31 -14.89
N LEU C 18 -36.36 -11.41 -15.62
CA LEU C 18 -35.52 -11.60 -16.80
C LEU C 18 -36.03 -10.80 -17.99
N PHE C 19 -37.36 -10.68 -18.10
CA PHE C 19 -37.97 -9.89 -19.16
C PHE C 19 -38.21 -8.45 -18.70
N ASP C 20 -37.95 -8.21 -17.42
CA ASP C 20 -37.97 -6.87 -16.85
C ASP C 20 -36.64 -6.13 -17.05
N LYS C 21 -36.34 -5.78 -18.30
CA LYS C 21 -35.03 -5.25 -18.67
C LYS C 21 -34.65 -3.96 -17.94
N ASP C 22 -35.60 -3.04 -17.91
CA ASP C 22 -35.45 -1.80 -17.15
C ASP C 22 -35.50 -2.08 -15.64
N GLY C 23 -36.14 -3.19 -15.28
CA GLY C 23 -36.26 -3.61 -13.90
C GLY C 23 -36.94 -2.64 -12.94
N ASP C 24 -38.15 -2.20 -13.27
CA ASP C 24 -38.89 -1.29 -12.41
C ASP C 24 -39.84 -2.03 -11.47
N GLY C 25 -39.90 -3.36 -11.61
CA GLY C 25 -40.99 -4.13 -11.04
C GLY C 25 -42.23 -4.27 -11.89
N THR C 26 -42.11 -3.98 -13.20
CA THR C 26 -43.23 -4.12 -14.14
C THR C 26 -42.76 -4.34 -15.58
N ILE C 27 -43.66 -4.88 -16.40
CA ILE C 27 -43.31 -5.30 -17.76
C ILE C 27 -44.32 -4.90 -18.84
N THR C 28 -43.84 -4.91 -20.07
CA THR C 28 -44.61 -4.49 -21.24
C THR C 28 -45.85 -5.38 -21.36
N THR C 29 -46.98 -4.83 -21.80
CA THR C 29 -48.16 -5.67 -22.03
C THR C 29 -47.88 -6.64 -23.18
N LYS C 30 -47.24 -6.15 -24.24
CA LYS C 30 -46.87 -7.00 -25.38
C LYS C 30 -45.92 -8.12 -24.94
N GLU C 31 -45.17 -7.86 -23.88
CA GLU C 31 -44.27 -8.85 -23.30
C GLU C 31 -45.05 -10.05 -22.75
N LEU C 32 -46.25 -9.78 -22.22
CA LEU C 32 -46.88 -10.64 -21.22
C LEU C 32 -47.07 -12.06 -21.75
N GLY C 33 -47.54 -12.17 -22.99
CA GLY C 33 -47.63 -13.44 -23.67
C GLY C 33 -46.37 -14.29 -23.56
N THR C 34 -45.27 -13.80 -24.15
CA THR C 34 -43.99 -14.51 -24.10
C THR C 34 -43.58 -15.01 -22.72
N VAL C 35 -43.96 -14.28 -21.68
CA VAL C 35 -43.60 -14.62 -20.30
C VAL C 35 -44.34 -15.82 -19.72
N MET C 36 -45.67 -15.78 -19.77
CA MET C 36 -46.48 -16.83 -19.17
C MET C 36 -46.21 -18.15 -19.86
N ARG C 37 -45.90 -18.06 -21.15
CA ARG C 37 -45.63 -19.22 -21.97
C ARG C 37 -44.23 -19.76 -21.69
N SER C 38 -43.25 -18.86 -21.59
CA SER C 38 -41.92 -19.22 -21.10
C SER C 38 -41.95 -19.90 -19.73
N LEU C 39 -42.96 -19.61 -18.91
CA LEU C 39 -43.09 -20.26 -17.61
C LEU C 39 -43.88 -21.56 -17.73
N GLY C 40 -44.24 -21.90 -18.97
CA GLY C 40 -44.91 -23.16 -19.24
C GLY C 40 -46.42 -23.07 -19.04
N GLN C 41 -47.07 -22.21 -19.83
CA GLN C 41 -48.52 -22.17 -19.90
C GLN C 41 -49.01 -22.13 -21.34
N ASN C 42 -50.32 -22.18 -21.51
CA ASN C 42 -50.93 -22.10 -22.84
C ASN C 42 -52.10 -21.14 -22.86
N PRO C 43 -51.82 -19.85 -22.71
CA PRO C 43 -52.87 -18.85 -22.84
C PRO C 43 -53.14 -18.52 -24.30
N THR C 44 -54.27 -17.84 -24.52
CA THR C 44 -54.66 -17.39 -25.85
C THR C 44 -54.79 -15.87 -25.83
N GLU C 45 -54.47 -15.26 -26.97
CA GLU C 45 -54.59 -13.80 -27.12
C GLU C 45 -55.99 -13.32 -26.72
N ALA C 46 -56.97 -14.19 -26.85
CA ALA C 46 -58.26 -14.00 -26.22
C ALA C 46 -58.08 -13.64 -24.75
N GLU C 47 -57.48 -14.58 -24.00
CA GLU C 47 -57.32 -14.44 -22.56
C GLU C 47 -56.35 -13.31 -22.18
N LEU C 48 -55.21 -13.24 -22.87
CA LEU C 48 -54.30 -12.10 -22.77
C LEU C 48 -55.05 -10.77 -22.78
N GLN C 49 -55.85 -10.54 -23.82
CA GLN C 49 -56.51 -9.25 -23.98
C GLN C 49 -57.44 -8.97 -22.82
N ASP C 50 -58.15 -10.00 -22.36
CA ASP C 50 -59.06 -9.85 -21.23
C ASP C 50 -58.28 -9.47 -19.99
N MET C 51 -57.19 -10.20 -19.76
CA MET C 51 -56.33 -9.97 -18.60
C MET C 51 -55.62 -8.61 -18.71
N ILE C 52 -55.06 -8.30 -19.88
CA ILE C 52 -54.37 -7.02 -20.09
C ILE C 52 -55.33 -5.83 -19.93
N ASN C 53 -56.50 -5.92 -20.54
CA ASN C 53 -57.47 -4.84 -20.53
C ASN C 53 -57.92 -4.53 -19.11
N GLU C 54 -58.20 -5.57 -18.35
CA GLU C 54 -58.72 -5.44 -16.99
C GLU C 54 -57.73 -4.76 -16.03
N VAL C 55 -56.49 -5.25 -15.96
CA VAL C 55 -55.49 -4.64 -15.08
C VAL C 55 -55.06 -3.28 -15.61
N ASP C 56 -54.76 -3.23 -16.90
CA ASP C 56 -54.27 -2.01 -17.53
C ASP C 56 -55.60 -1.36 -17.95
N ALA C 57 -56.39 -1.02 -16.93
CA ALA C 57 -57.60 -0.24 -17.07
C ALA C 57 -57.26 1.21 -17.45
N ASP C 58 -56.15 1.67 -16.89
CA ASP C 58 -55.77 3.08 -16.92
C ASP C 58 -54.94 3.42 -18.17
N GLY C 59 -54.73 2.45 -19.05
CA GLY C 59 -53.86 2.59 -20.21
C GLY C 59 -52.44 3.00 -19.90
N ASN C 60 -51.83 2.35 -18.91
CA ASN C 60 -50.38 2.47 -18.68
C ASN C 60 -49.55 1.77 -19.75
N GLY C 61 -49.96 0.55 -20.07
CA GLY C 61 -49.22 -0.28 -21.01
C GLY C 61 -48.19 -1.05 -20.18
N THR C 62 -48.45 -1.10 -18.87
CA THR C 62 -47.51 -1.64 -17.89
C THR C 62 -48.22 -2.58 -16.92
N ILE C 63 -47.47 -3.53 -16.37
CA ILE C 63 -48.01 -4.55 -15.47
C ILE C 63 -46.99 -4.96 -14.42
N ASP C 64 -47.33 -4.78 -13.15
CA ASP C 64 -46.43 -5.20 -12.06
C ASP C 64 -46.55 -6.68 -11.68
N PHE C 65 -45.62 -7.13 -10.83
CA PHE C 65 -45.54 -8.53 -10.38
C PHE C 65 -46.58 -8.99 -9.37
N PRO C 66 -47.05 -8.10 -8.46
CA PRO C 66 -48.13 -8.58 -7.58
C PRO C 66 -49.36 -9.10 -8.32
N GLU C 67 -49.81 -8.37 -9.33
CA GLU C 67 -50.99 -8.78 -10.08
C GLU C 67 -50.68 -9.95 -11.02
N PHE C 68 -49.45 -9.97 -11.54
CA PHE C 68 -48.96 -11.09 -12.33
C PHE C 68 -49.17 -12.46 -11.67
N LEU C 69 -49.14 -12.50 -10.35
CA LEU C 69 -49.37 -13.75 -9.64
C LEU C 69 -50.83 -14.19 -9.65
N THR C 70 -51.74 -13.22 -9.72
CA THR C 70 -53.15 -13.53 -9.86
C THR C 70 -53.40 -14.20 -11.22
N MET C 71 -52.82 -13.64 -12.27
CA MET C 71 -53.01 -14.13 -13.64
C MET C 71 -52.50 -15.54 -13.86
N MET C 72 -51.31 -15.82 -13.34
CA MET C 72 -50.74 -17.15 -13.45
C MET C 72 -51.60 -18.08 -12.61
N ALA C 73 -52.16 -17.56 -11.52
CA ALA C 73 -52.99 -18.35 -10.62
C ALA C 73 -54.38 -18.60 -11.20
N ARG C 74 -55.01 -17.55 -11.70
CA ARG C 74 -56.27 -17.70 -12.41
C ARG C 74 -56.17 -18.71 -13.55
N LYS C 75 -55.19 -18.56 -14.43
CA LYS C 75 -54.99 -19.53 -15.50
C LYS C 75 -54.58 -20.94 -15.01
N MET C 76 -53.86 -21.00 -13.90
CA MET C 76 -53.48 -22.29 -13.33
C MET C 76 -54.72 -23.07 -12.92
N LYS C 77 -55.80 -22.36 -12.60
CA LYS C 77 -57.04 -23.00 -12.15
C LYS C 77 -57.54 -24.01 -13.17
N ASP C 78 -57.40 -23.68 -14.46
CA ASP C 78 -57.79 -24.62 -15.51
C ASP C 78 -56.91 -24.54 -16.78
N THR C 79 -56.35 -25.69 -17.15
CA THR C 79 -55.47 -25.81 -18.33
C THR C 79 -55.85 -27.08 -19.09
N ASP C 80 -55.53 -27.12 -20.38
CA ASP C 80 -56.01 -28.19 -21.25
C ASP C 80 -55.19 -29.48 -21.14
N SER C 81 -55.81 -30.57 -20.70
CA SER C 81 -55.15 -31.89 -20.66
C SER C 81 -54.72 -32.33 -22.05
N GLU C 82 -53.86 -33.34 -22.14
CA GLU C 82 -53.46 -33.86 -23.46
C GLU C 82 -54.67 -34.39 -24.21
N GLU C 83 -55.57 -35.07 -23.50
CA GLU C 83 -56.66 -35.77 -24.17
C GLU C 83 -57.55 -34.83 -24.97
N GLU C 84 -57.84 -33.66 -24.38
CA GLU C 84 -58.69 -32.68 -25.03
C GLU C 84 -57.97 -32.16 -26.28
N ILE C 85 -56.68 -31.92 -26.14
CA ILE C 85 -55.86 -31.48 -27.27
C ILE C 85 -55.81 -32.60 -28.29
N ARG C 86 -55.71 -33.84 -27.82
CA ARG C 86 -55.71 -34.99 -28.71
C ARG C 86 -57.05 -35.01 -29.44
N GLU C 87 -58.11 -34.75 -28.67
CA GLU C 87 -59.46 -34.67 -29.21
C GLU C 87 -59.54 -33.52 -30.19
N ALA C 88 -58.82 -32.44 -29.87
CA ALA C 88 -58.82 -31.25 -30.70
C ALA C 88 -58.29 -31.54 -32.11
N PHE C 89 -57.17 -32.24 -32.23
CA PHE C 89 -56.70 -32.64 -33.55
C PHE C 89 -57.69 -33.55 -34.25
N ARG C 90 -58.19 -34.52 -33.49
CA ARG C 90 -59.07 -35.57 -34.01
C ARG C 90 -60.24 -35.09 -34.86
N VAL C 91 -60.78 -33.90 -34.57
CA VAL C 91 -61.83 -33.39 -35.45
C VAL C 91 -61.24 -32.78 -36.72
N PHE C 92 -59.93 -32.68 -36.83
CA PHE C 92 -59.38 -32.23 -38.11
C PHE C 92 -58.79 -33.44 -38.83
N ASP C 93 -59.12 -34.61 -38.30
CA ASP C 93 -58.58 -35.86 -38.82
C ASP C 93 -59.78 -36.73 -39.12
N LYS C 94 -60.41 -36.49 -40.26
CA LYS C 94 -61.73 -37.05 -40.55
C LYS C 94 -61.63 -38.57 -40.54
N ASP C 95 -60.57 -39.07 -41.15
CA ASP C 95 -60.28 -40.49 -41.16
C ASP C 95 -59.35 -40.80 -40.02
N GLY C 96 -59.81 -41.68 -39.13
CA GLY C 96 -59.19 -41.82 -37.83
C GLY C 96 -57.95 -42.67 -37.87
N ASN C 97 -56.93 -42.13 -38.53
CA ASN C 97 -55.66 -42.83 -38.65
C ASN C 97 -54.65 -42.29 -37.66
N GLY C 98 -54.94 -41.12 -37.10
CA GLY C 98 -54.01 -40.51 -36.16
C GLY C 98 -52.90 -39.69 -36.77
N TYR C 99 -52.98 -39.43 -38.07
CA TYR C 99 -52.08 -38.50 -38.73
C TYR C 99 -52.75 -37.19 -39.18
N ILE C 100 -51.95 -36.31 -39.79
CA ILE C 100 -52.36 -34.99 -40.29
C ILE C 100 -51.36 -34.54 -41.30
N SER C 101 -51.82 -34.38 -42.53
CA SER C 101 -51.03 -33.80 -43.61
C SER C 101 -50.44 -32.50 -43.11
N ALA C 102 -49.23 -32.17 -43.53
CA ALA C 102 -48.65 -30.91 -43.08
C ALA C 102 -49.20 -29.78 -43.93
N ALA C 103 -49.91 -30.13 -45.00
CA ALA C 103 -50.71 -29.19 -45.78
C ALA C 103 -51.97 -28.80 -45.01
N GLU C 104 -52.77 -29.80 -44.67
CA GLU C 104 -53.98 -29.59 -43.86
C GLU C 104 -53.64 -28.90 -42.56
N LEU C 105 -52.45 -29.17 -42.06
CA LEU C 105 -52.01 -28.58 -40.80
C LEU C 105 -51.80 -27.10 -41.01
N ARG C 106 -50.93 -26.81 -41.97
CA ARG C 106 -50.63 -25.44 -42.35
C ARG C 106 -51.93 -24.70 -42.59
N HIS C 107 -52.82 -25.32 -43.37
CA HIS C 107 -54.15 -24.80 -43.64
C HIS C 107 -54.94 -24.44 -42.38
N VAL C 108 -55.27 -25.45 -41.58
CA VAL C 108 -56.03 -25.27 -40.35
C VAL C 108 -55.48 -24.19 -39.42
N MET C 109 -54.17 -24.14 -39.30
CA MET C 109 -53.53 -23.21 -38.40
C MET C 109 -53.58 -21.78 -38.92
N THR C 110 -53.14 -21.57 -40.17
CA THR C 110 -53.15 -20.24 -40.77
C THR C 110 -54.55 -19.64 -40.96
N ASN C 111 -55.61 -20.44 -40.83
CA ASN C 111 -56.95 -19.87 -40.99
C ASN C 111 -57.87 -19.79 -39.76
N LEU C 112 -58.20 -20.93 -39.17
CA LEU C 112 -59.35 -20.99 -38.28
C LEU C 112 -59.33 -20.19 -36.99
N GLY C 113 -58.28 -20.32 -36.22
CA GLY C 113 -58.33 -19.83 -34.86
C GLY C 113 -57.58 -18.53 -34.64
N GLU C 114 -56.85 -18.50 -33.54
CA GLU C 114 -55.95 -17.41 -33.26
C GLU C 114 -54.79 -17.71 -34.19
N LYS C 115 -54.77 -17.11 -35.36
CA LYS C 115 -53.96 -17.66 -36.46
C LYS C 115 -52.46 -17.48 -36.30
N LEU C 116 -51.70 -18.21 -37.10
CA LEU C 116 -50.24 -18.23 -37.03
C LEU C 116 -49.65 -17.84 -38.38
N THR C 117 -48.55 -17.09 -38.36
CA THR C 117 -47.89 -16.73 -39.59
C THR C 117 -47.27 -17.95 -40.24
N ASP C 118 -46.63 -17.76 -41.40
CA ASP C 118 -45.83 -18.80 -41.99
C ASP C 118 -44.61 -19.07 -41.13
N GLU C 119 -43.95 -18.00 -40.69
CA GLU C 119 -42.82 -18.09 -39.77
C GLU C 119 -43.17 -18.97 -38.57
N GLU C 120 -44.33 -18.72 -37.98
CA GLU C 120 -44.83 -19.52 -36.85
C GLU C 120 -45.10 -20.96 -37.29
N VAL C 121 -45.81 -21.10 -38.40
CA VAL C 121 -46.29 -22.39 -38.85
C VAL C 121 -45.10 -23.26 -39.25
N ASP C 122 -44.14 -22.70 -39.99
CA ASP C 122 -42.91 -23.41 -40.29
C ASP C 122 -42.24 -23.90 -39.01
N GLU C 123 -42.23 -23.04 -37.99
CA GLU C 123 -41.63 -23.40 -36.70
C GLU C 123 -42.36 -24.60 -36.10
N MET C 124 -43.68 -24.61 -36.22
CA MET C 124 -44.48 -25.73 -35.70
C MET C 124 -44.39 -27.01 -36.52
N ILE C 125 -44.09 -26.91 -37.81
CA ILE C 125 -44.06 -28.11 -38.64
C ILE C 125 -42.73 -28.83 -38.48
N ARG C 126 -41.64 -28.08 -38.53
CA ARG C 126 -40.34 -28.55 -38.07
C ARG C 126 -40.46 -29.18 -36.68
N GLU C 127 -41.03 -28.44 -35.72
CA GLU C 127 -41.18 -28.94 -34.36
C GLU C 127 -42.05 -30.19 -34.34
N ALA C 128 -43.08 -30.22 -35.19
CA ALA C 128 -44.04 -31.32 -35.24
C ALA C 128 -43.53 -32.24 -36.32
N ASP C 129 -42.26 -32.60 -36.21
CA ASP C 129 -41.49 -32.95 -37.39
C ASP C 129 -42.19 -34.03 -38.18
N ILE C 130 -41.99 -33.97 -39.48
CA ILE C 130 -42.50 -34.98 -40.37
C ILE C 130 -41.88 -36.35 -39.99
N ASP C 131 -40.70 -36.33 -39.38
CA ASP C 131 -40.02 -37.56 -38.97
C ASP C 131 -39.89 -38.49 -40.15
N GLY C 132 -39.26 -38.01 -41.21
CA GLY C 132 -39.25 -38.73 -42.46
C GLY C 132 -40.28 -37.98 -43.25
N ASP C 133 -40.34 -38.16 -44.56
CA ASP C 133 -40.99 -37.20 -45.43
C ASP C 133 -42.44 -36.98 -44.99
N GLY C 134 -43.19 -38.07 -44.83
CA GLY C 134 -44.21 -38.19 -43.80
C GLY C 134 -45.26 -37.10 -43.63
N GLN C 135 -45.91 -37.17 -42.47
CA GLN C 135 -46.93 -36.25 -41.98
C GLN C 135 -47.09 -36.50 -40.50
N VAL C 136 -47.90 -35.67 -39.86
CA VAL C 136 -47.72 -35.38 -38.46
C VAL C 136 -48.66 -36.17 -37.58
N ASN C 137 -48.16 -37.29 -37.06
CA ASN C 137 -48.94 -38.03 -36.09
C ASN C 137 -49.11 -37.08 -34.90
N TYR C 138 -50.35 -36.83 -34.48
CA TYR C 138 -50.55 -35.87 -33.40
C TYR C 138 -50.35 -36.56 -32.08
N GLU C 139 -50.50 -37.88 -32.07
CA GLU C 139 -50.55 -38.62 -30.82
C GLU C 139 -49.18 -38.46 -30.14
N GLU C 140 -48.11 -38.64 -30.92
CA GLU C 140 -46.76 -38.47 -30.38
C GLU C 140 -46.57 -37.01 -30.00
N PHE C 141 -46.92 -36.12 -30.92
CA PHE C 141 -46.69 -34.69 -30.74
C PHE C 141 -47.48 -34.05 -29.59
N VAL C 142 -48.76 -34.38 -29.41
CA VAL C 142 -49.52 -33.71 -28.36
C VAL C 142 -48.93 -34.01 -27.00
N GLN C 143 -48.61 -35.27 -26.76
CA GLN C 143 -48.04 -35.67 -25.48
C GLN C 143 -46.69 -34.95 -25.30
N MET C 144 -46.00 -34.77 -26.42
CA MET C 144 -44.71 -34.09 -26.47
C MET C 144 -44.77 -32.65 -25.96
N MET C 145 -45.84 -31.94 -26.30
CA MET C 145 -45.98 -30.55 -25.89
C MET C 145 -46.24 -30.42 -24.40
N THR C 146 -46.60 -31.53 -23.76
CA THR C 146 -46.69 -31.57 -22.32
C THR C 146 -45.34 -32.00 -21.74
N ALA D 1 10.58 27.85 18.91
CA ALA D 1 11.73 26.96 18.78
C ALA D 1 12.52 27.31 17.54
N ASP D 2 13.12 26.29 16.91
CA ASP D 2 13.90 26.45 15.69
C ASP D 2 15.06 27.42 15.96
N GLN D 3 15.75 27.18 17.08
CA GLN D 3 16.74 28.10 17.57
C GLN D 3 18.05 27.34 17.76
N LEU D 4 19.16 28.05 17.80
CA LEU D 4 20.46 27.40 17.96
C LEU D 4 20.52 26.62 19.30
N THR D 5 21.14 25.45 19.29
CA THR D 5 21.36 24.71 20.52
C THR D 5 22.79 24.22 20.69
N GLU D 6 23.15 23.93 21.94
CA GLU D 6 24.46 23.37 22.27
C GLU D 6 24.79 22.14 21.47
N GLU D 7 23.74 21.39 21.10
CA GLU D 7 23.90 20.20 20.28
C GLU D 7 24.50 20.59 18.93
N GLN D 8 23.93 21.63 18.33
CA GLN D 8 24.40 22.15 17.05
C GLN D 8 25.87 22.57 17.07
N ILE D 9 26.28 23.23 18.15
CA ILE D 9 27.68 23.58 18.32
C ILE D 9 28.47 22.30 18.17
N ALA D 10 28.03 21.29 18.91
CA ALA D 10 28.72 20.01 18.98
C ALA D 10 28.86 19.41 17.60
N GLU D 11 27.75 19.41 16.89
CA GLU D 11 27.67 18.93 15.52
C GLU D 11 28.64 19.65 14.59
N PHE D 12 28.72 20.98 14.72
CA PHE D 12 29.62 21.73 13.86
C PHE D 12 31.05 21.37 14.17
N LYS D 13 31.43 21.41 15.45
CA LYS D 13 32.82 21.24 15.84
C LYS D 13 33.28 19.85 15.40
N GLU D 14 32.42 18.86 15.60
CA GLU D 14 32.77 17.50 15.21
C GLU D 14 32.92 17.33 13.70
N ALA D 15 31.98 17.88 12.94
CA ALA D 15 31.92 17.64 11.50
C ALA D 15 33.17 18.15 10.81
N PHE D 16 33.63 19.33 11.21
CA PHE D 16 34.86 19.88 10.64
C PHE D 16 36.06 19.10 11.11
N SER D 17 36.01 18.58 12.33
CA SER D 17 37.10 17.75 12.83
C SER D 17 37.29 16.56 11.89
N LEU D 18 36.17 15.94 11.51
CA LEU D 18 36.15 14.80 10.60
C LEU D 18 36.60 15.21 9.21
N PHE D 19 36.18 16.40 8.79
CA PHE D 19 36.47 16.91 7.44
C PHE D 19 37.96 16.96 7.20
N ASP D 20 38.71 17.37 8.22
CA ASP D 20 40.16 17.40 8.13
C ASP D 20 40.74 16.00 7.97
N LYS D 21 40.26 15.06 8.79
CA LYS D 21 40.82 13.72 8.81
C LYS D 21 40.61 13.09 7.44
N ASP D 22 39.39 13.22 6.91
CA ASP D 22 39.05 12.76 5.56
C ASP D 22 39.64 13.70 4.51
N GLY D 23 39.69 13.24 3.27
CA GLY D 23 40.29 14.05 2.22
C GLY D 23 39.53 15.34 2.04
N ASP D 24 40.22 16.38 1.56
CA ASP D 24 39.55 17.55 1.01
C ASP D 24 38.77 17.18 -0.26
N GLY D 25 39.33 16.24 -1.01
CA GLY D 25 38.79 15.83 -2.30
C GLY D 25 37.48 15.07 -2.22
N THR D 26 36.73 15.06 -3.32
CA THR D 26 35.41 14.44 -3.37
C THR D 26 35.41 12.91 -3.49
N ILE D 27 34.22 12.33 -3.39
CA ILE D 27 34.03 10.86 -3.40
C ILE D 27 34.46 10.23 -4.74
N THR D 28 34.96 9.00 -4.68
CA THR D 28 35.45 8.29 -5.87
C THR D 28 34.44 7.27 -6.41
N THR D 29 34.29 7.19 -7.73
CA THR D 29 33.56 6.09 -8.37
C THR D 29 34.22 4.72 -8.20
N LYS D 30 35.53 4.69 -8.03
CA LYS D 30 36.20 3.40 -7.80
C LYS D 30 35.97 2.95 -6.36
N GLU D 31 35.59 3.90 -5.50
CA GLU D 31 35.10 3.58 -4.16
C GLU D 31 33.80 2.80 -4.25
N LEU D 32 32.90 3.30 -5.10
CA LEU D 32 31.56 2.73 -5.27
C LEU D 32 31.60 1.30 -5.81
N GLY D 33 32.56 1.03 -6.68
CA GLY D 33 32.69 -0.27 -7.32
C GLY D 33 32.89 -1.34 -6.27
N THR D 34 33.67 -1.00 -5.26
CA THR D 34 34.00 -1.92 -4.18
C THR D 34 32.74 -2.31 -3.42
N VAL D 35 31.86 -1.33 -3.20
CA VAL D 35 30.65 -1.54 -2.42
C VAL D 35 29.72 -2.55 -3.08
N MET D 36 29.47 -2.38 -4.38
CA MET D 36 28.59 -3.31 -5.11
C MET D 36 29.17 -4.72 -5.25
N ARG D 37 30.47 -4.83 -5.55
CA ARG D 37 31.12 -6.13 -5.65
C ARG D 37 31.04 -6.83 -4.29
N SER D 38 31.02 -6.04 -3.24
CA SER D 38 30.85 -6.55 -1.89
C SER D 38 29.48 -7.23 -1.79
N LEU D 39 28.49 -6.61 -2.44
CA LEU D 39 27.10 -7.09 -2.37
C LEU D 39 26.80 -8.17 -3.41
N GLY D 40 27.84 -8.71 -4.02
CA GLY D 40 27.67 -9.70 -5.07
C GLY D 40 27.06 -9.17 -6.36
N GLN D 41 27.64 -8.11 -6.88
CA GLN D 41 27.35 -7.61 -8.22
C GLN D 41 28.69 -7.34 -8.87
N ASN D 42 28.71 -7.11 -10.18
CA ASN D 42 29.97 -6.87 -10.85
C ASN D 42 29.77 -6.01 -12.10
N PRO D 43 29.65 -4.68 -11.91
CA PRO D 43 29.38 -3.85 -13.08
C PRO D 43 30.65 -3.26 -13.69
N THR D 44 30.50 -2.81 -14.94
CA THR D 44 31.61 -2.26 -15.71
C THR D 44 31.96 -0.85 -15.25
N GLU D 45 33.05 -0.29 -15.76
CA GLU D 45 33.37 1.11 -15.54
C GLU D 45 32.22 1.99 -16.04
N ALA D 46 31.67 1.63 -17.20
CA ALA D 46 30.62 2.40 -17.83
C ALA D 46 29.38 2.49 -16.94
N GLU D 47 28.99 1.38 -16.33
CA GLU D 47 27.83 1.34 -15.45
C GLU D 47 28.01 2.10 -14.12
N LEU D 48 29.21 2.01 -13.55
CA LEU D 48 29.58 2.74 -12.34
C LEU D 48 29.45 4.25 -12.49
N GLN D 49 30.19 4.77 -13.47
CA GLN D 49 30.14 6.17 -13.87
C GLN D 49 28.70 6.68 -14.03
N ASP D 50 27.90 5.99 -14.84
CA ASP D 50 26.50 6.36 -15.07
C ASP D 50 25.75 6.59 -13.74
N MET D 51 25.91 5.67 -12.78
CA MET D 51 25.21 5.76 -11.49
C MET D 51 25.45 7.04 -10.69
N ILE D 52 26.71 7.36 -10.40
CA ILE D 52 27.07 8.57 -9.64
C ILE D 52 26.32 9.81 -10.16
N ASN D 53 26.29 10.01 -11.47
CA ASN D 53 25.59 11.15 -12.04
C ASN D 53 24.07 11.18 -11.78
N GLU D 54 23.46 10.04 -11.49
CA GLU D 54 22.02 10.03 -11.26
C GLU D 54 21.74 10.17 -9.75
N VAL D 55 22.80 10.41 -8.99
CA VAL D 55 22.65 10.88 -7.62
C VAL D 55 23.58 12.07 -7.35
N ASP D 56 22.98 13.27 -7.20
CA ASP D 56 23.72 14.53 -6.99
C ASP D 56 23.03 15.59 -6.13
N ALA D 57 23.84 16.28 -5.34
CA ALA D 57 23.45 17.44 -4.54
C ALA D 57 24.50 18.53 -4.76
N ASP D 58 24.23 19.76 -4.31
CA ASP D 58 25.09 20.90 -4.62
C ASP D 58 26.56 20.70 -4.18
N GLY D 59 26.73 19.99 -3.06
CA GLY D 59 27.98 19.84 -2.34
C GLY D 59 29.11 19.13 -3.07
N ASN D 60 30.27 19.03 -2.40
CA ASN D 60 31.46 18.49 -3.03
C ASN D 60 31.31 17.03 -3.48
N GLY D 61 30.89 16.17 -2.57
CA GLY D 61 30.67 14.76 -2.87
C GLY D 61 29.18 14.56 -2.92
N THR D 62 28.60 14.62 -1.73
CA THR D 62 27.20 14.95 -1.48
C THR D 62 26.19 14.11 -2.28
N ILE D 63 26.49 12.84 -2.42
CA ILE D 63 25.54 11.93 -3.04
C ILE D 63 24.25 11.90 -2.24
N ASP D 64 23.11 11.83 -2.94
CA ASP D 64 21.86 11.63 -2.23
C ASP D 64 22.00 10.21 -1.76
N PHE D 65 21.86 9.97 -0.47
CA PHE D 65 22.20 8.66 0.05
C PHE D 65 20.99 7.72 0.14
N PRO D 66 19.87 8.17 0.75
CA PRO D 66 18.69 7.29 0.72
C PRO D 66 18.31 6.78 -0.67
N GLU D 67 18.28 7.68 -1.64
CA GLU D 67 17.80 7.33 -2.98
C GLU D 67 18.91 6.65 -3.77
N PHE D 68 20.13 6.75 -3.26
CA PHE D 68 21.24 5.93 -3.76
C PHE D 68 20.98 4.45 -3.45
N LEU D 69 20.81 4.13 -2.16
CA LEU D 69 20.47 2.77 -1.73
C LEU D 69 19.39 2.18 -2.63
N THR D 70 18.32 2.93 -2.80
CA THR D 70 17.14 2.47 -3.53
C THR D 70 17.53 2.11 -4.95
N MET D 71 18.44 2.89 -5.52
CA MET D 71 18.96 2.64 -6.85
C MET D 71 19.66 1.29 -6.97
N MET D 72 20.41 0.87 -5.96
CA MET D 72 21.03 -0.45 -6.02
C MET D 72 19.95 -1.52 -5.98
N ALA D 73 18.93 -1.31 -5.15
CA ALA D 73 17.94 -2.34 -4.91
C ALA D 73 17.26 -2.75 -6.22
N ARG D 74 17.15 -1.80 -7.15
CA ARG D 74 16.67 -2.08 -8.50
C ARG D 74 17.61 -3.04 -9.25
N LYS D 75 18.91 -2.90 -9.01
CA LYS D 75 19.94 -3.61 -9.77
C LYS D 75 19.94 -5.11 -9.46
N MET D 76 19.14 -5.52 -8.49
CA MET D 76 19.15 -6.87 -7.93
C MET D 76 18.86 -7.97 -8.95
N LYS D 77 17.95 -7.68 -9.89
CA LYS D 77 17.41 -8.61 -10.89
C LYS D 77 16.27 -9.41 -10.29
N ASP D 78 15.94 -9.09 -9.04
CA ASP D 78 14.76 -9.65 -8.38
C ASP D 78 13.97 -8.52 -7.73
N THR D 79 13.40 -7.66 -8.57
CA THR D 79 12.60 -6.53 -8.12
C THR D 79 11.43 -7.00 -7.25
N ASP D 80 10.87 -8.16 -7.60
CA ASP D 80 9.63 -8.64 -6.97
C ASP D 80 9.82 -8.71 -5.47
N SER D 81 10.81 -9.52 -5.08
CA SER D 81 11.37 -9.50 -3.73
C SER D 81 10.28 -9.40 -2.67
N GLU D 82 10.39 -8.39 -1.81
CA GLU D 82 9.55 -8.23 -0.65
C GLU D 82 8.06 -8.22 -0.98
N GLU D 83 7.73 -7.68 -2.14
CA GLU D 83 6.36 -7.70 -2.64
C GLU D 83 5.90 -9.14 -2.86
N GLU D 84 6.74 -9.93 -3.51
CA GLU D 84 6.42 -11.32 -3.83
C GLU D 84 6.24 -12.12 -2.54
N ILE D 85 7.06 -11.86 -1.52
CA ILE D 85 7.01 -12.66 -0.30
C ILE D 85 5.76 -12.29 0.49
N ARG D 86 5.47 -10.99 0.58
CA ARG D 86 4.42 -10.50 1.45
C ARG D 86 3.11 -11.10 0.98
N GLU D 87 2.94 -11.17 -0.34
CA GLU D 87 1.80 -11.83 -0.94
C GLU D 87 1.74 -13.29 -0.52
N ALA D 88 2.71 -14.07 -1.00
CA ALA D 88 2.67 -15.54 -1.01
C ALA D 88 2.21 -16.15 0.32
N PHE D 89 2.67 -15.60 1.43
CA PHE D 89 2.14 -16.00 2.73
C PHE D 89 0.68 -15.62 2.96
N ARG D 90 0.28 -14.44 2.46
CA ARG D 90 -1.10 -13.97 2.65
C ARG D 90 -2.13 -14.91 2.04
N VAL D 91 -1.81 -15.52 0.90
CA VAL D 91 -2.70 -16.49 0.27
C VAL D 91 -2.93 -17.71 1.16
N PHE D 92 -1.96 -18.02 2.01
CA PHE D 92 -2.13 -19.01 3.06
C PHE D 92 -2.49 -18.36 4.40
N ASP D 93 -3.34 -17.33 4.35
CA ASP D 93 -3.77 -16.68 5.59
C ASP D 93 -5.23 -16.28 5.63
N LYS D 94 -5.94 -16.93 6.56
CA LYS D 94 -7.36 -16.74 6.77
C LYS D 94 -7.75 -15.35 7.25
N ASP D 95 -6.98 -14.80 8.21
CA ASP D 95 -7.42 -13.56 8.86
C ASP D 95 -6.63 -12.29 8.57
N GLY D 96 -5.60 -12.37 7.71
CA GLY D 96 -4.86 -11.20 7.27
C GLY D 96 -4.38 -10.34 8.43
N ASN D 97 -3.91 -10.98 9.51
CA ASN D 97 -3.18 -10.27 10.55
C ASN D 97 -1.67 -10.58 10.55
N GLY D 98 -1.21 -11.29 9.54
CA GLY D 98 0.19 -11.68 9.45
C GLY D 98 0.58 -13.07 9.93
N TYR D 99 -0.34 -13.79 10.57
CA TYR D 99 -0.07 -15.12 11.09
C TYR D 99 -0.34 -16.26 10.08
N ILE D 100 0.29 -17.41 10.31
CA ILE D 100 0.13 -18.62 9.50
C ILE D 100 0.16 -19.79 10.50
N SER D 101 -0.36 -20.96 10.13
CA SER D 101 -0.37 -22.10 11.06
C SER D 101 0.60 -23.19 10.64
N ALA D 102 1.19 -23.85 11.63
CA ALA D 102 2.44 -24.54 11.43
C ALA D 102 2.26 -25.84 10.63
N ALA D 103 1.20 -26.58 10.92
CA ALA D 103 0.83 -27.74 10.10
C ALA D 103 0.65 -27.36 8.64
N GLU D 104 0.01 -26.21 8.43
CA GLU D 104 -0.21 -25.63 7.11
C GLU D 104 1.13 -25.47 6.43
N LEU D 105 1.98 -24.67 7.05
CA LEU D 105 3.27 -24.29 6.48
C LEU D 105 4.15 -25.53 6.34
N ARG D 106 4.05 -26.43 7.32
CA ARG D 106 4.80 -27.69 7.27
C ARG D 106 4.40 -28.45 6.03
N HIS D 107 3.11 -28.44 5.72
CA HIS D 107 2.57 -29.18 4.59
C HIS D 107 3.26 -28.70 3.31
N VAL D 108 3.43 -27.38 3.21
CA VAL D 108 3.86 -26.76 1.97
C VAL D 108 5.22 -27.29 1.53
N MET D 109 6.20 -27.22 2.43
CA MET D 109 7.54 -27.71 2.13
C MET D 109 7.67 -29.23 2.02
N THR D 110 7.07 -29.98 2.95
CA THR D 110 7.19 -31.44 2.95
C THR D 110 6.51 -32.13 1.73
N ASN D 111 5.19 -32.02 1.63
CA ASN D 111 4.38 -32.71 0.62
C ASN D 111 4.55 -32.32 -0.86
N LEU D 112 4.26 -31.09 -1.24
CA LEU D 112 4.08 -30.78 -2.67
C LEU D 112 5.36 -30.89 -3.50
N GLY D 113 6.49 -30.47 -2.97
CA GLY D 113 7.66 -30.29 -3.79
C GLY D 113 8.61 -31.44 -3.96
N GLU D 114 9.80 -31.28 -3.40
CA GLU D 114 10.83 -32.31 -3.47
C GLU D 114 11.29 -32.78 -2.11
N LYS D 115 10.44 -32.66 -1.08
CA LYS D 115 10.76 -33.24 0.22
C LYS D 115 11.88 -32.45 0.91
N LEU D 116 11.75 -31.13 0.93
CA LEU D 116 12.74 -30.29 1.59
C LEU D 116 12.78 -30.58 3.09
N THR D 117 13.99 -30.81 3.61
CA THR D 117 14.14 -31.15 5.03
C THR D 117 14.92 -30.09 5.79
N ASP D 118 14.38 -29.77 6.96
CA ASP D 118 14.62 -28.48 7.62
C ASP D 118 16.04 -28.15 8.06
N GLU D 119 16.67 -29.06 8.80
CA GLU D 119 17.81 -28.68 9.64
C GLU D 119 17.30 -27.60 10.59
N GLU D 120 17.96 -26.44 10.55
CA GLU D 120 17.62 -25.31 11.41
C GLU D 120 16.23 -24.76 11.10
N VAL D 121 15.75 -24.93 9.87
CA VAL D 121 14.51 -24.31 9.43
C VAL D 121 13.32 -24.70 10.30
N ASP D 122 13.34 -25.94 10.77
CA ASP D 122 12.39 -26.43 11.76
C ASP D 122 12.53 -25.66 13.08
N GLU D 123 13.78 -25.38 13.47
CA GLU D 123 14.06 -24.75 14.76
C GLU D 123 13.37 -23.40 14.83
N MET D 124 13.42 -22.68 13.71
CA MET D 124 12.92 -21.31 13.62
C MET D 124 11.43 -21.20 13.86
N ILE D 125 10.68 -22.12 13.26
CA ILE D 125 9.23 -22.10 13.34
C ILE D 125 8.82 -22.23 14.80
N ARG D 126 9.40 -23.20 15.50
CA ARG D 126 8.97 -23.50 16.86
C ARG D 126 9.25 -22.28 17.74
N GLU D 127 10.25 -21.50 17.34
CA GLU D 127 10.57 -20.25 18.04
C GLU D 127 9.54 -19.17 17.75
N ALA D 128 9.08 -19.10 16.50
CA ALA D 128 8.14 -18.06 16.10
C ALA D 128 6.81 -18.18 16.87
N ASP D 129 6.37 -19.41 17.07
CA ASP D 129 5.14 -19.69 17.81
C ASP D 129 5.27 -19.29 19.27
N ILE D 130 4.23 -18.67 19.82
CA ILE D 130 4.23 -18.24 21.21
C ILE D 130 3.41 -19.17 22.09
N GLY D 134 1.03 -22.86 19.58
CA GLY D 134 0.29 -22.00 18.69
C GLY D 134 0.87 -21.93 17.29
N GLN D 135 0.52 -20.87 16.55
CA GLN D 135 0.91 -20.73 15.16
C GLN D 135 2.01 -19.68 14.92
N VAL D 136 2.36 -19.48 13.65
CA VAL D 136 3.55 -18.72 13.24
C VAL D 136 3.22 -17.25 12.89
N ASN D 137 4.25 -16.43 12.72
CA ASN D 137 4.14 -15.09 12.15
C ASN D 137 5.17 -14.98 11.01
N TYR D 138 4.75 -14.66 9.78
CA TYR D 138 5.69 -14.66 8.65
C TYR D 138 6.77 -13.62 8.88
N GLU D 139 6.34 -12.47 9.39
CA GLU D 139 7.22 -11.32 9.52
C GLU D 139 8.35 -11.75 10.42
N GLU D 140 7.99 -12.44 11.50
CA GLU D 140 8.95 -12.97 12.44
C GLU D 140 9.78 -14.06 11.78
N PHE D 141 9.13 -14.93 11.00
CA PHE D 141 9.79 -16.08 10.39
C PHE D 141 10.90 -15.62 9.43
N VAL D 142 10.55 -14.71 8.53
CA VAL D 142 11.49 -14.23 7.52
C VAL D 142 12.64 -13.43 8.12
N GLN D 143 12.33 -12.54 9.06
CA GLN D 143 13.37 -11.68 9.64
C GLN D 143 14.41 -12.58 10.32
N MET D 144 13.93 -13.68 10.92
CA MET D 144 14.80 -14.69 11.51
C MET D 144 15.61 -15.46 10.47
N MET D 145 15.01 -15.72 9.32
CA MET D 145 15.64 -16.57 8.31
C MET D 145 16.75 -15.78 7.60
N THR D 146 16.56 -14.48 7.50
CA THR D 146 17.61 -13.59 6.99
C THR D 146 18.51 -13.11 8.12
N ALA D 147 19.27 -14.04 8.72
CA ALA D 147 20.10 -13.77 9.90
C ALA D 147 20.68 -15.07 10.45
S SO4 E . 31.28 60.66 34.17
O1 SO4 E . 30.47 60.14 35.28
O2 SO4 E . 30.69 60.22 32.92
O3 SO4 E . 31.29 62.13 34.20
O4 SO4 E . 32.65 60.18 34.28
S SO4 F . 37.35 57.01 34.75
O1 SO4 F . 37.74 55.89 35.62
O2 SO4 F . 36.13 56.67 34.01
O3 SO4 F . 37.07 58.18 35.59
O4 SO4 F . 38.41 57.30 33.81
S SO4 G . 20.63 39.48 22.44
O1 SO4 G . 21.52 39.14 23.55
O2 SO4 G . 19.77 38.35 22.11
O3 SO4 G . 19.76 40.60 22.84
O4 SO4 G . 21.43 39.83 21.28
#